data_8TXP
#
_entry.id   8TXP
#
_cell.length_a   128.350
_cell.length_b   128.350
_cell.length_c   155.756
_cell.angle_alpha   90.00
_cell.angle_beta   90.00
_cell.angle_gamma   120.00
#
_symmetry.space_group_name_H-M   'P 3 2 1'
#
loop_
_entity.id
_entity.type
_entity.pdbx_description
1 polymer Hemagglutinin
2 polymer Hemagglutinin
3 polymer 'GC_w13_A, Fab heavy chain'
4 polymer 'GC_w13_A, Fab light chain'
5 branched 2-acetamido-2-deoxy-beta-D-glucopyranose-(1-4)-2-acetamido-2-deoxy-beta-D-glucopyranose
6 branched beta-D-mannopyranose-(1-4)-2-acetamido-2-deoxy-beta-D-glucopyranose-(1-4)-2-acetamido-2-deoxy-beta-D-glucopyranose
#
loop_
_entity_poly.entity_id
_entity_poly.type
_entity_poly.pdbx_seq_one_letter_code
_entity_poly.pdbx_strand_id
1 'polypeptide(L)'
;ADPGDTLCIGYHANNSTDTVDTVLEKNVTVTHSVNLLEDKHNGKLCKLRGVAPLHLGKCNIAGWILGNPECESLSTASSW
SYIVETPSSDNGTCYPGDFIDYEELREQLSSVSSFERFEIFPKTSSWPNHDSNKGVTAACPHAGAKSFYKNLIWLVKKGN
SYPKLSKSYINDKGKEVLVLWGIHHPSTSADQQSLYQNADTYVFVGSSRYSKKFKPEIAIRPKVRDQEGRMNYYWTLVEP
GDKITFEATGNLVVPRYAFAMERNAGSGIIISDTPVHDCNTTCQTPKGAINTSLPFQNIHPITIGKCPKYVKSTKLRLAT
GLRNIPSIQSR
;
A
2 'polypeptide(L)'
;GLFGAIAGFIEGGWTGMVDGWYGYHHQNEQGSGYAADLKSTQNAIDGITNKVNSVIEKMNTQFTAVGKEFNHLEKRIENL
NKKVDDGFLDIWTYNAELLVLLENERTLDYHDSNVKNLYEKVRSQLKNNAKEIGNGCFEFYHKCDNTCMESVKNGTYDYP
KYSEEAKLNREEIDSGR
;
B
3 'polypeptide(L)'
;QVQLVQSGAEVKKPGSSVKVSCEASGVTFSSYAVSWVRQAPGQGLEWMGGIIPIVGTANYAQKFQGRVTITADGLTSTVY
MELSRLRSEDTAVYFCAREATWKGSSIGVLGIWGQGTMVTVSASTKGPSVFPLAPSSKSTSGGTAALGCLVKDYFPEPVT
VSWNSGALTSGVHTFPAVLQSSGLYSLSSVVTVPSSSLGTQTYICNVNHKPSNTKVDKRVEPKSC
;
H
4 'polypeptide(L)'
;DIQMTQSPSSLSASVGDRVTITCRASQSISDYLNWYQQKPGKAPSLLIFSASTLQSGVPSRFSGSGSGTDFTLTISSLQP
EDFATYYCQQNYNTPRTFGQGTKVEIKRTVAAPSVFIFPPSDEQLKSGTASVVCLLNNFYPREAKVQWKVDNALQSGNSQ
ESVTEQDSKDSTYSLSSTLTLSKADYEKHKVYACEVTHQGLSSPVTKSFNRGEC
;
L
#
# COMPACT_ATOMS: atom_id res chain seq x y z
N PRO A 3 43.04 15.61 -35.13
CA PRO A 3 42.19 16.76 -35.44
C PRO A 3 41.72 17.49 -34.18
N GLY A 4 40.54 18.10 -34.24
CA GLY A 4 40.03 18.88 -33.12
C GLY A 4 39.16 18.06 -32.18
N ASP A 5 38.88 18.66 -31.02
CA ASP A 5 37.99 18.04 -30.05
C ASP A 5 36.57 18.00 -30.61
N THR A 6 35.84 16.93 -30.25
CA THR A 6 34.53 16.68 -30.82
C THR A 6 33.49 16.51 -29.72
N LEU A 7 32.31 17.08 -29.95
CA LEU A 7 31.13 16.86 -29.12
C LEU A 7 30.00 16.38 -30.01
N CYS A 8 29.43 15.22 -29.70
CA CYS A 8 28.37 14.63 -30.48
C CYS A 8 27.07 14.61 -29.69
N ILE A 9 25.96 14.45 -30.40
CA ILE A 9 24.63 14.32 -29.81
C ILE A 9 24.04 13.01 -30.31
N GLY A 10 23.53 12.20 -29.39
CA GLY A 10 23.00 10.90 -29.75
C GLY A 10 21.99 10.42 -28.74
N TYR A 11 21.50 9.21 -28.96
CA TYR A 11 20.42 8.65 -28.16
C TYR A 11 20.74 7.23 -27.73
N HIS A 12 19.87 6.69 -26.88
CA HIS A 12 20.12 5.44 -26.19
C HIS A 12 19.85 4.23 -27.08
N ALA A 13 20.61 3.16 -26.84
CA ALA A 13 20.37 1.86 -27.44
C ALA A 13 20.68 0.78 -26.41
N ASN A 14 20.01 -0.36 -26.54
CA ASN A 14 20.18 -1.44 -25.58
C ASN A 14 19.94 -2.77 -26.29
N ASN A 15 19.84 -3.84 -25.50
CA ASN A 15 19.63 -5.20 -26.00
C ASN A 15 18.15 -5.57 -26.06
N SER A 16 17.28 -4.60 -26.30
CA SER A 16 15.84 -4.82 -26.26
C SER A 16 15.36 -5.36 -27.60
N THR A 17 14.66 -6.49 -27.57
CA THR A 17 13.96 -7.02 -28.73
C THR A 17 12.46 -6.72 -28.69
N ASP A 18 12.03 -5.87 -27.76
CA ASP A 18 10.62 -5.50 -27.69
C ASP A 18 10.21 -4.81 -28.98
N THR A 19 9.05 -5.19 -29.51
CA THR A 19 8.53 -4.60 -30.73
C THR A 19 7.14 -4.03 -30.48
N VAL A 20 6.89 -2.85 -31.04
CA VAL A 20 5.58 -2.22 -30.99
C VAL A 20 5.16 -1.90 -32.41
N ASP A 21 3.85 -1.80 -32.61
CA ASP A 21 3.28 -1.39 -33.89
C ASP A 21 2.84 0.06 -33.80
N THR A 22 3.10 0.80 -34.87
CA THR A 22 2.62 2.18 -35.02
C THR A 22 1.66 2.26 -36.20
N VAL A 23 1.21 3.48 -36.49
CA VAL A 23 0.27 3.68 -37.58
C VAL A 23 1.00 3.70 -38.93
N LEU A 24 2.22 4.24 -38.98
CA LEU A 24 2.98 4.32 -40.23
C LEU A 24 3.94 3.17 -40.42
N GLU A 25 4.22 2.40 -39.36
CA GLU A 25 5.18 1.31 -39.43
C GLU A 25 4.75 0.21 -38.46
N LYS A 26 5.20 -1.00 -38.74
CA LYS A 26 4.85 -2.16 -37.94
C LYS A 26 6.12 -2.86 -37.47
N ASN A 27 6.02 -3.53 -36.31
CA ASN A 27 7.12 -4.31 -35.73
C ASN A 27 8.37 -3.45 -35.55
N VAL A 28 8.18 -2.28 -34.96
CA VAL A 28 9.30 -1.38 -34.65
C VAL A 28 9.92 -1.81 -33.33
N THR A 29 11.24 -1.97 -33.33
CA THR A 29 11.96 -2.36 -32.13
C THR A 29 12.23 -1.13 -31.28
N VAL A 30 11.84 -1.19 -30.00
CA VAL A 30 11.95 -0.04 -29.11
C VAL A 30 12.78 -0.43 -27.89
N THR A 31 13.43 0.58 -27.30
CA THR A 31 14.31 0.33 -26.16
C THR A 31 13.53 0.00 -24.89
N HIS A 32 12.32 0.55 -24.74
CA HIS A 32 11.50 0.30 -23.57
C HIS A 32 10.04 0.34 -23.97
N SER A 33 9.25 -0.50 -23.32
CA SER A 33 7.82 -0.58 -23.61
C SER A 33 7.09 -1.13 -22.40
N VAL A 34 5.78 -0.94 -22.38
CA VAL A 34 4.91 -1.48 -21.35
C VAL A 34 3.79 -2.25 -22.01
N ASN A 35 3.61 -3.50 -21.61
CA ASN A 35 2.48 -4.29 -22.09
C ASN A 35 1.22 -3.90 -21.32
N LEU A 36 0.08 -3.95 -22.03
CA LEU A 36 -1.21 -3.68 -21.43
C LEU A 36 -2.15 -4.88 -21.44
N LEU A 37 -1.80 -5.96 -22.12
CA LEU A 37 -2.73 -7.06 -22.35
C LEU A 37 -2.27 -8.29 -21.59
N GLU A 38 -3.17 -8.85 -20.77
CA GLU A 38 -2.94 -10.11 -20.09
C GLU A 38 -3.51 -11.24 -20.94
N ASP A 39 -2.72 -12.28 -21.16
CA ASP A 39 -3.13 -13.39 -22.01
C ASP A 39 -2.85 -14.75 -21.38
N LYS A 40 -2.67 -14.80 -20.05
CA LYS A 40 -2.32 -16.04 -19.37
C LYS A 40 -3.30 -16.34 -18.26
N HIS A 41 -3.69 -17.61 -18.15
CA HIS A 41 -4.56 -18.09 -17.08
C HIS A 41 -3.97 -19.38 -16.50
N ASN A 42 -4.28 -19.62 -15.22
CA ASN A 42 -3.71 -20.78 -14.53
C ASN A 42 -4.42 -22.09 -14.84
N GLY A 43 -5.54 -22.05 -15.56
CA GLY A 43 -6.23 -23.26 -15.94
C GLY A 43 -6.93 -23.97 -14.80
N LYS A 44 -7.15 -23.28 -13.67
CA LYS A 44 -7.84 -23.84 -12.53
C LYS A 44 -8.88 -22.87 -12.03
N LEU A 45 -10.00 -23.40 -11.52
CA LEU A 45 -11.00 -22.57 -10.87
C LEU A 45 -10.58 -22.35 -9.42
N CYS A 46 -10.24 -21.11 -9.10
CA CYS A 46 -9.70 -20.74 -7.79
C CYS A 46 -10.79 -20.14 -6.92
N LYS A 47 -10.41 -19.72 -5.71
CA LYS A 47 -11.35 -19.15 -4.74
C LYS A 47 -11.17 -17.64 -4.68
N LEU A 48 -12.16 -16.91 -5.16
CA LEU A 48 -12.08 -15.45 -5.17
C LEU A 48 -12.19 -14.90 -3.76
N ARG A 49 -11.19 -14.10 -3.37
CA ARG A 49 -11.20 -13.37 -2.10
C ARG A 49 -11.35 -14.31 -0.90
N GLY A 50 -10.66 -15.45 -0.98
CA GLY A 50 -10.65 -16.42 0.09
C GLY A 50 -11.81 -17.39 0.04
N VAL A 51 -13.01 -16.86 -0.18
CA VAL A 51 -14.20 -17.71 -0.19
C VAL A 51 -14.17 -18.63 -1.41
N ALA A 52 -14.39 -19.93 -1.17
CA ALA A 52 -14.36 -20.93 -2.22
C ALA A 52 -15.67 -20.93 -3.01
N PRO A 53 -15.63 -21.32 -4.28
CA PRO A 53 -16.87 -21.37 -5.08
C PRO A 53 -17.73 -22.56 -4.70
N LEU A 54 -19.01 -22.45 -5.04
CA LEU A 54 -19.97 -23.53 -4.83
C LEU A 54 -20.06 -24.34 -6.11
N HIS A 55 -19.44 -25.51 -6.12
CA HIS A 55 -19.49 -26.41 -7.27
C HIS A 55 -20.70 -27.33 -7.13
N LEU A 56 -21.55 -27.34 -8.16
CA LEU A 56 -22.80 -28.10 -8.13
C LEU A 56 -22.63 -29.56 -8.54
N GLY A 57 -21.42 -29.97 -8.92
CA GLY A 57 -21.20 -31.34 -9.35
C GLY A 57 -22.02 -31.68 -10.57
N LYS A 58 -22.66 -32.84 -10.55
CA LYS A 58 -23.45 -33.34 -11.68
C LYS A 58 -24.85 -32.73 -11.72
N CYS A 59 -25.10 -31.66 -10.99
CA CYS A 59 -26.43 -31.06 -10.89
C CYS A 59 -26.42 -29.66 -11.48
N ASN A 60 -27.56 -29.26 -12.05
CA ASN A 60 -27.78 -27.88 -12.41
C ASN A 60 -28.40 -27.15 -11.21
N ILE A 61 -28.71 -25.87 -11.40
CA ILE A 61 -29.21 -25.06 -10.29
C ILE A 61 -30.55 -25.58 -9.80
N ALA A 62 -31.38 -26.08 -10.71
CA ALA A 62 -32.68 -26.64 -10.31
C ALA A 62 -32.51 -27.81 -9.38
N GLY A 63 -31.63 -28.76 -9.74
CA GLY A 63 -31.42 -29.91 -8.88
C GLY A 63 -30.85 -29.56 -7.53
N TRP A 64 -29.92 -28.59 -7.49
CA TRP A 64 -29.35 -28.15 -6.23
C TRP A 64 -30.40 -27.47 -5.36
N ILE A 65 -31.13 -26.51 -5.92
CA ILE A 65 -32.09 -25.76 -5.13
C ILE A 65 -33.30 -26.60 -4.74
N LEU A 66 -33.58 -27.68 -5.48
CA LEU A 66 -34.68 -28.57 -5.13
C LEU A 66 -34.25 -29.71 -4.23
N GLY A 67 -33.01 -30.19 -4.38
CA GLY A 67 -32.52 -31.27 -3.54
C GLY A 67 -32.53 -32.62 -4.22
N ASN A 68 -32.12 -32.66 -5.48
CA ASN A 68 -32.05 -33.93 -6.19
C ASN A 68 -31.08 -34.86 -5.47
N PRO A 69 -31.41 -36.14 -5.34
CA PRO A 69 -30.54 -37.05 -4.56
C PRO A 69 -29.13 -37.18 -5.10
N GLU A 70 -28.90 -36.86 -6.37
CA GLU A 70 -27.54 -36.86 -6.89
C GLU A 70 -26.74 -35.65 -6.40
N CYS A 71 -27.41 -34.62 -5.90
CA CYS A 71 -26.76 -33.44 -5.34
C CYS A 71 -26.58 -33.55 -3.83
N GLU A 72 -26.35 -34.77 -3.34
CA GLU A 72 -26.39 -35.01 -1.89
C GLU A 72 -25.33 -34.22 -1.15
N SER A 73 -24.11 -34.16 -1.69
CA SER A 73 -23.02 -33.48 -1.00
C SER A 73 -23.29 -31.99 -0.83
N LEU A 74 -24.20 -31.42 -1.62
CA LEU A 74 -24.52 -29.99 -1.54
C LEU A 74 -25.60 -29.77 -0.48
N SER A 75 -25.19 -29.91 0.77
CA SER A 75 -26.06 -29.63 1.91
C SER A 75 -25.42 -28.75 2.97
N THR A 76 -24.10 -28.69 3.05
CA THR A 76 -23.40 -27.80 3.98
C THR A 76 -23.17 -26.41 3.40
N ALA A 77 -23.93 -26.03 2.37
CA ALA A 77 -23.74 -24.74 1.72
C ALA A 77 -23.99 -23.61 2.71
N SER A 78 -22.94 -22.83 2.97
CA SER A 78 -23.03 -21.68 3.85
C SER A 78 -22.55 -20.39 3.20
N SER A 79 -21.48 -20.45 2.41
CA SER A 79 -20.94 -19.27 1.76
C SER A 79 -20.17 -19.68 0.51
N TRP A 80 -20.16 -18.79 -0.47
CA TRP A 80 -19.45 -19.05 -1.72
C TRP A 80 -19.17 -17.73 -2.42
N SER A 81 -18.12 -17.71 -3.24
CA SER A 81 -17.85 -16.54 -4.07
C SER A 81 -18.70 -16.56 -5.34
N TYR A 82 -18.92 -17.74 -5.91
CA TYR A 82 -19.67 -17.87 -7.15
C TYR A 82 -20.10 -19.32 -7.31
N ILE A 83 -21.08 -19.53 -8.19
CA ILE A 83 -21.65 -20.85 -8.43
C ILE A 83 -21.02 -21.42 -9.69
N VAL A 84 -20.59 -22.67 -9.63
CA VAL A 84 -20.02 -23.38 -10.77
C VAL A 84 -21.02 -24.44 -11.22
N GLU A 85 -21.34 -24.44 -12.51
CA GLU A 85 -22.25 -25.41 -13.10
C GLU A 85 -21.52 -26.15 -14.21
N THR A 86 -21.66 -27.47 -14.25
CA THR A 86 -20.97 -28.07 -15.38
C THR A 86 -21.88 -28.09 -16.60
N PRO A 87 -21.30 -28.02 -17.81
CA PRO A 87 -22.12 -28.11 -19.02
C PRO A 87 -22.92 -29.39 -19.11
N SER A 88 -22.38 -30.50 -18.61
CA SER A 88 -23.04 -31.80 -18.70
C SER A 88 -23.99 -32.06 -17.54
N SER A 89 -24.20 -31.09 -16.65
CA SER A 89 -25.15 -31.25 -15.55
C SER A 89 -26.54 -31.55 -16.09
N ASP A 90 -27.04 -32.76 -15.82
CA ASP A 90 -28.29 -33.21 -16.39
C ASP A 90 -29.29 -33.70 -15.35
N ASN A 91 -29.00 -33.54 -14.07
CA ASN A 91 -29.84 -34.17 -13.05
C ASN A 91 -31.09 -33.34 -12.77
N GLY A 92 -30.91 -32.14 -12.23
CA GLY A 92 -32.02 -31.21 -12.02
C GLY A 92 -33.33 -31.80 -11.56
N THR A 93 -34.38 -31.52 -12.33
CA THR A 93 -35.73 -32.00 -12.04
C THR A 93 -35.88 -33.42 -12.56
N CYS A 94 -35.64 -34.39 -11.67
CA CYS A 94 -35.73 -35.79 -12.06
C CYS A 94 -37.15 -36.15 -12.49
N TYR A 95 -38.14 -35.69 -11.75
CA TYR A 95 -39.52 -35.87 -12.18
C TYR A 95 -39.83 -34.88 -13.30
N PRO A 96 -40.30 -35.34 -14.46
CA PRO A 96 -40.48 -34.43 -15.59
C PRO A 96 -41.44 -33.30 -15.26
N GLY A 97 -41.11 -32.12 -15.74
CA GLY A 97 -41.92 -30.94 -15.48
C GLY A 97 -41.21 -29.68 -15.90
N ASP A 98 -41.81 -28.55 -15.55
CA ASP A 98 -41.31 -27.23 -15.92
C ASP A 98 -41.04 -26.42 -14.66
N PHE A 99 -39.83 -25.86 -14.58
CA PHE A 99 -39.48 -24.93 -13.51
C PHE A 99 -39.93 -23.54 -13.92
N ILE A 100 -40.75 -22.91 -13.09
CA ILE A 100 -41.36 -21.63 -13.42
C ILE A 100 -40.42 -20.50 -13.03
N ASP A 101 -40.10 -19.64 -13.99
CA ASP A 101 -39.15 -18.54 -13.79
C ASP A 101 -37.80 -19.07 -13.32
N TYR A 102 -37.35 -20.16 -13.94
CA TYR A 102 -36.06 -20.76 -13.60
C TYR A 102 -34.92 -19.78 -13.86
N GLU A 103 -34.95 -19.10 -15.00
CA GLU A 103 -33.86 -18.19 -15.36
C GLU A 103 -33.78 -17.01 -14.39
N GLU A 104 -34.92 -16.44 -14.01
CA GLU A 104 -34.90 -15.34 -13.05
C GLU A 104 -34.43 -15.80 -11.68
N LEU A 105 -34.70 -17.06 -11.32
CA LEU A 105 -34.18 -17.61 -10.08
C LEU A 105 -32.65 -17.70 -10.12
N ARG A 106 -32.09 -18.14 -11.25
CA ARG A 106 -30.65 -18.20 -11.39
C ARG A 106 -30.02 -16.82 -11.27
N GLU A 107 -30.61 -15.82 -11.93
CA GLU A 107 -30.11 -14.46 -11.80
C GLU A 107 -30.28 -13.96 -10.38
N GLN A 108 -31.36 -14.36 -9.71
CA GLN A 108 -31.56 -13.98 -8.32
C GLN A 108 -30.48 -14.59 -7.43
N LEU A 109 -30.11 -15.84 -7.70
CA LEU A 109 -29.08 -16.51 -6.90
C LEU A 109 -27.67 -16.04 -7.25
N SER A 110 -27.49 -15.37 -8.39
CA SER A 110 -26.18 -14.86 -8.74
C SER A 110 -25.71 -13.77 -7.79
N SER A 111 -26.66 -13.06 -7.16
CA SER A 111 -26.34 -12.05 -6.16
C SER A 111 -26.26 -12.61 -4.74
N VAL A 112 -26.56 -13.90 -4.57
CA VAL A 112 -26.62 -14.52 -3.25
C VAL A 112 -25.27 -15.16 -2.93
N SER A 113 -24.83 -15.04 -1.69
CA SER A 113 -23.63 -15.69 -1.20
C SER A 113 -23.87 -16.49 0.06
N SER A 114 -24.72 -16.02 0.97
CA SER A 114 -25.01 -16.70 2.23
C SER A 114 -26.26 -17.57 2.10
N PHE A 115 -26.36 -18.55 2.99
CA PHE A 115 -27.29 -19.65 2.80
C PHE A 115 -27.54 -20.40 4.11
N GLU A 116 -28.80 -20.45 4.55
CA GLU A 116 -29.14 -21.19 5.77
C GLU A 116 -30.36 -22.05 5.50
N ARG A 117 -30.16 -23.37 5.46
CA ARG A 117 -31.27 -24.29 5.28
C ARG A 117 -31.92 -24.59 6.62
N PHE A 118 -33.24 -24.38 6.70
CA PHE A 118 -33.99 -24.66 7.91
C PHE A 118 -35.28 -25.37 7.53
N GLU A 119 -35.80 -26.17 8.46
CA GLU A 119 -37.03 -26.93 8.24
C GLU A 119 -38.22 -26.04 8.54
N ILE A 120 -38.71 -25.36 7.50
CA ILE A 120 -39.87 -24.47 7.66
C ILE A 120 -41.09 -25.26 8.09
N PHE A 121 -41.31 -26.42 7.46
CA PHE A 121 -42.38 -27.33 7.85
C PHE A 121 -41.76 -28.67 8.21
N PRO A 122 -41.57 -28.96 9.50
CA PRO A 122 -40.90 -30.20 9.89
C PRO A 122 -41.65 -31.43 9.40
N LYS A 123 -40.90 -32.47 9.08
CA LYS A 123 -41.49 -33.68 8.51
C LYS A 123 -42.31 -34.44 9.55
N THR A 124 -41.74 -34.64 10.74
CA THR A 124 -42.42 -35.44 11.76
C THR A 124 -43.73 -34.80 12.19
N SER A 125 -43.72 -33.50 12.43
CA SER A 125 -44.90 -32.79 12.90
C SER A 125 -45.53 -32.01 11.74
N SER A 126 -46.54 -31.20 12.07
CA SER A 126 -47.16 -30.23 11.17
C SER A 126 -47.96 -30.90 10.05
N TRP A 127 -47.88 -32.23 9.92
CA TRP A 127 -48.80 -32.99 9.07
C TRP A 127 -49.32 -34.22 9.82
N PRO A 128 -50.04 -34.04 10.93
CA PRO A 128 -50.67 -35.22 11.55
C PRO A 128 -51.76 -35.84 10.69
N ASN A 129 -52.58 -35.03 10.03
CA ASN A 129 -53.74 -35.54 9.29
C ASN A 129 -53.40 -35.99 7.88
N HIS A 130 -52.18 -35.77 7.40
CA HIS A 130 -51.75 -36.19 6.09
C HIS A 130 -50.48 -37.04 6.23
N ASP A 131 -50.15 -37.76 5.16
CA ASP A 131 -49.00 -38.65 5.15
C ASP A 131 -47.86 -38.05 4.34
N SER A 132 -46.63 -38.24 4.82
CA SER A 132 -45.45 -37.70 4.18
C SER A 132 -44.39 -38.77 3.93
N ASN A 133 -44.79 -40.02 3.83
CA ASN A 133 -43.82 -41.13 3.78
C ASN A 133 -43.83 -41.89 2.47
N LYS A 134 -44.99 -42.07 1.85
CA LYS A 134 -45.07 -42.78 0.57
C LYS A 134 -44.75 -41.88 -0.62
N GLY A 135 -44.33 -40.64 -0.37
CA GLY A 135 -44.06 -39.71 -1.45
C GLY A 135 -42.72 -39.92 -2.13
N VAL A 136 -42.57 -41.04 -2.83
CA VAL A 136 -41.36 -41.37 -3.57
C VAL A 136 -41.76 -41.76 -4.98
N THR A 137 -40.75 -41.83 -5.86
CA THR A 137 -40.98 -42.20 -7.25
C THR A 137 -39.70 -42.81 -7.82
N ALA A 138 -39.87 -43.64 -8.85
CA ALA A 138 -38.73 -44.22 -9.55
C ALA A 138 -38.03 -43.22 -10.45
N ALA A 139 -38.68 -42.10 -10.76
CA ALA A 139 -38.06 -41.08 -11.59
C ALA A 139 -36.91 -40.37 -10.88
N CYS A 140 -36.80 -40.52 -9.56
CA CYS A 140 -35.74 -39.92 -8.77
C CYS A 140 -35.07 -41.02 -7.94
N PRO A 141 -34.23 -41.84 -8.57
CA PRO A 141 -33.59 -42.93 -7.83
C PRO A 141 -32.40 -42.45 -7.01
N HIS A 142 -32.09 -43.22 -5.98
CA HIS A 142 -30.92 -42.98 -5.14
C HIS A 142 -30.55 -44.29 -4.46
N ALA A 143 -29.29 -44.72 -4.62
CA ALA A 143 -28.80 -45.96 -4.04
C ALA A 143 -29.67 -47.15 -4.45
N GLY A 144 -30.11 -47.15 -5.70
CA GLY A 144 -30.96 -48.22 -6.21
C GLY A 144 -32.29 -48.31 -5.50
N ALA A 145 -32.89 -47.16 -5.18
CA ALA A 145 -34.14 -47.13 -4.45
C ALA A 145 -34.95 -45.93 -4.91
N LYS A 146 -36.26 -45.96 -4.60
CA LYS A 146 -37.18 -44.93 -5.04
C LYS A 146 -37.10 -43.76 -4.07
N SER A 147 -36.59 -42.62 -4.54
CA SER A 147 -36.39 -41.47 -3.67
C SER A 147 -37.06 -40.22 -4.23
N PHE A 148 -36.79 -39.07 -3.61
CA PHE A 148 -37.41 -37.81 -3.99
C PHE A 148 -36.47 -36.67 -3.61
N TYR A 149 -36.95 -35.44 -3.74
CA TYR A 149 -36.16 -34.27 -3.39
C TYR A 149 -36.01 -34.15 -1.88
N LYS A 150 -34.84 -33.70 -1.44
CA LYS A 150 -34.55 -33.58 -0.02
C LYS A 150 -35.16 -32.34 0.62
N ASN A 151 -35.64 -31.38 -0.18
CA ASN A 151 -36.25 -30.17 0.35
C ASN A 151 -37.76 -30.11 0.15
N LEU A 152 -38.34 -31.08 -0.54
CA LEU A 152 -39.77 -31.13 -0.78
C LEU A 152 -40.29 -32.49 -0.33
N ILE A 153 -41.55 -32.51 0.12
CA ILE A 153 -42.20 -33.75 0.54
C ILE A 153 -43.50 -33.90 -0.24
N TRP A 154 -43.70 -35.08 -0.82
CA TRP A 154 -44.88 -35.39 -1.63
C TRP A 154 -45.99 -35.87 -0.69
N LEU A 155 -46.89 -34.96 -0.32
CA LEU A 155 -47.99 -35.31 0.57
C LEU A 155 -48.99 -36.22 -0.16
N VAL A 156 -49.38 -37.30 0.50
CA VAL A 156 -50.36 -38.21 -0.08
C VAL A 156 -51.54 -38.37 0.87
N LYS A 157 -52.53 -39.15 0.46
CA LYS A 157 -53.70 -39.39 1.29
C LYS A 157 -53.32 -40.18 2.53
N LYS A 158 -53.92 -39.81 3.67
CA LYS A 158 -53.74 -40.57 4.90
C LYS A 158 -54.72 -41.74 4.86
N GLY A 159 -54.20 -42.93 4.56
CA GLY A 159 -55.08 -44.08 4.38
C GLY A 159 -55.94 -43.92 3.15
N ASN A 160 -57.22 -43.64 3.34
CA ASN A 160 -58.17 -43.37 2.27
C ASN A 160 -58.88 -42.05 2.52
N SER A 161 -58.10 -41.02 2.84
CA SER A 161 -58.68 -39.69 3.08
C SER A 161 -57.59 -38.64 2.90
N TYR A 162 -57.92 -37.59 2.16
CA TYR A 162 -57.06 -36.41 2.04
C TYR A 162 -57.82 -35.22 2.59
N PRO A 163 -57.62 -34.87 3.87
CA PRO A 163 -58.36 -33.73 4.43
C PRO A 163 -57.95 -32.39 3.84
N LYS A 164 -58.58 -31.31 4.28
CA LYS A 164 -58.22 -29.98 3.82
C LYS A 164 -56.86 -29.57 4.38
N LEU A 165 -56.29 -28.51 3.80
CA LEU A 165 -54.98 -28.01 4.18
C LEU A 165 -55.08 -26.55 4.60
N SER A 166 -54.42 -26.23 5.71
CA SER A 166 -54.27 -24.83 6.13
C SER A 166 -52.98 -24.75 6.95
N LYS A 167 -51.90 -24.30 6.31
CA LYS A 167 -50.61 -24.18 6.96
C LYS A 167 -49.99 -22.84 6.60
N SER A 168 -49.27 -22.25 7.55
CA SER A 168 -48.69 -20.94 7.36
C SER A 168 -47.32 -20.88 8.05
N TYR A 169 -46.51 -19.91 7.63
CA TYR A 169 -45.22 -19.64 8.25
C TYR A 169 -45.00 -18.14 8.31
N ILE A 170 -44.42 -17.67 9.41
CA ILE A 170 -44.09 -16.27 9.59
C ILE A 170 -42.57 -16.13 9.66
N ASN A 171 -42.06 -15.09 9.01
CA ASN A 171 -40.61 -14.88 8.88
C ASN A 171 -40.07 -14.30 10.19
N ASP A 172 -39.53 -15.16 11.04
CA ASP A 172 -38.82 -14.72 12.23
C ASP A 172 -37.31 -14.70 12.04
N LYS A 173 -36.82 -15.06 10.85
CA LYS A 173 -35.38 -15.13 10.59
C LYS A 173 -34.77 -13.76 10.31
N GLY A 174 -35.57 -12.72 10.20
CA GLY A 174 -35.05 -11.38 9.98
C GLY A 174 -34.78 -11.08 8.52
N LYS A 175 -33.88 -11.85 7.91
CA LYS A 175 -33.58 -11.68 6.49
C LYS A 175 -34.65 -12.34 5.63
N GLU A 176 -34.53 -12.14 4.32
CA GLU A 176 -35.47 -12.70 3.38
C GLU A 176 -35.37 -14.23 3.37
N VAL A 177 -36.49 -14.87 3.04
CA VAL A 177 -36.57 -16.33 2.97
C VAL A 177 -37.04 -16.73 1.58
N LEU A 178 -36.40 -17.76 1.02
CA LEU A 178 -36.78 -18.33 -0.25
C LEU A 178 -37.54 -19.63 0.00
N VAL A 179 -38.72 -19.76 -0.59
CA VAL A 179 -39.61 -20.89 -0.40
C VAL A 179 -39.91 -21.52 -1.75
N LEU A 180 -39.82 -22.84 -1.83
CA LEU A 180 -40.09 -23.58 -3.05
C LEU A 180 -41.08 -24.70 -2.77
N TRP A 181 -41.88 -25.03 -3.79
CA TRP A 181 -42.87 -26.11 -3.68
C TRP A 181 -43.12 -26.67 -5.07
N GLY A 182 -44.15 -27.50 -5.19
CA GLY A 182 -44.48 -28.10 -6.47
C GLY A 182 -45.95 -28.48 -6.54
N ILE A 183 -46.42 -28.63 -7.77
CA ILE A 183 -47.79 -29.04 -8.05
C ILE A 183 -47.74 -30.27 -8.95
N HIS A 184 -48.34 -31.37 -8.49
CA HIS A 184 -48.38 -32.59 -9.27
C HIS A 184 -49.59 -32.59 -10.19
N HIS A 185 -49.36 -32.99 -11.44
CA HIS A 185 -50.43 -33.13 -12.44
C HIS A 185 -50.46 -34.57 -12.91
N PRO A 186 -51.31 -35.41 -12.35
CA PRO A 186 -51.28 -36.84 -12.67
C PRO A 186 -51.77 -37.12 -14.09
N SER A 187 -51.51 -38.35 -14.54
CA SER A 187 -51.86 -38.74 -15.91
C SER A 187 -53.36 -38.94 -16.05
N THR A 188 -53.91 -39.91 -15.31
CA THR A 188 -55.32 -40.26 -15.42
C THR A 188 -56.08 -39.78 -14.18
N SER A 189 -57.40 -39.67 -14.34
CA SER A 189 -58.25 -39.29 -13.21
C SER A 189 -58.21 -40.34 -12.12
N ALA A 190 -57.96 -41.60 -12.48
CA ALA A 190 -57.79 -42.64 -11.47
C ALA A 190 -56.53 -42.38 -10.63
N ASP A 191 -55.46 -41.89 -11.26
CA ASP A 191 -54.26 -41.55 -10.52
C ASP A 191 -54.52 -40.42 -9.52
N GLN A 192 -55.43 -39.49 -9.85
CA GLN A 192 -55.77 -38.44 -8.91
C GLN A 192 -56.39 -39.02 -7.63
N GLN A 193 -57.30 -39.99 -7.78
CA GLN A 193 -57.93 -40.59 -6.61
C GLN A 193 -56.95 -41.48 -5.85
N SER A 194 -56.09 -42.20 -6.58
CA SER A 194 -55.18 -43.14 -5.94
C SER A 194 -54.16 -42.44 -5.05
N LEU A 195 -53.83 -41.18 -5.35
CA LEU A 195 -52.86 -40.43 -4.57
C LEU A 195 -53.47 -39.33 -3.71
N TYR A 196 -54.62 -38.79 -4.10
CA TYR A 196 -55.21 -37.66 -3.38
C TYR A 196 -56.70 -37.80 -3.09
N GLN A 197 -57.35 -38.87 -3.56
CA GLN A 197 -58.76 -39.15 -3.27
C GLN A 197 -59.68 -38.08 -3.84
N ASN A 198 -59.62 -36.87 -3.29
CA ASN A 198 -60.53 -35.81 -3.71
C ASN A 198 -60.33 -35.48 -5.19
N ALA A 199 -61.43 -35.18 -5.87
CA ALA A 199 -61.40 -34.72 -7.25
C ALA A 199 -61.72 -33.24 -7.30
N ASP A 200 -61.38 -32.62 -8.44
CA ASP A 200 -61.57 -31.18 -8.64
C ASP A 200 -60.87 -30.39 -7.53
N THR A 201 -59.62 -30.76 -7.26
CA THR A 201 -58.88 -30.14 -6.17
C THR A 201 -58.39 -28.76 -6.56
N TYR A 202 -57.91 -28.02 -5.56
CA TYR A 202 -57.32 -26.70 -5.76
C TYR A 202 -56.14 -26.55 -4.81
N VAL A 203 -55.15 -25.77 -5.25
CA VAL A 203 -53.98 -25.44 -4.44
C VAL A 203 -53.83 -23.94 -4.40
N PHE A 204 -53.56 -23.40 -3.20
CA PHE A 204 -53.42 -21.96 -3.02
C PHE A 204 -52.15 -21.65 -2.24
N VAL A 205 -51.35 -20.72 -2.76
CA VAL A 205 -50.21 -20.15 -2.04
C VAL A 205 -50.38 -18.64 -2.04
N GLY A 206 -50.31 -18.04 -0.86
CA GLY A 206 -50.58 -16.62 -0.72
C GLY A 206 -49.64 -15.96 0.26
N SER A 207 -49.40 -14.68 0.01
CA SER A 207 -48.59 -13.82 0.87
C SER A 207 -48.83 -12.37 0.42
N SER A 208 -48.06 -11.44 0.97
CA SER A 208 -48.15 -10.05 0.51
C SER A 208 -47.56 -9.87 -0.88
N ARG A 209 -46.74 -10.81 -1.35
CA ARG A 209 -46.15 -10.76 -2.67
C ARG A 209 -46.71 -11.81 -3.62
N TYR A 210 -46.99 -13.00 -3.13
CA TYR A 210 -47.48 -14.11 -3.95
C TYR A 210 -48.96 -14.31 -3.70
N SER A 211 -49.71 -14.53 -4.78
CA SER A 211 -51.13 -14.85 -4.67
C SER A 211 -51.49 -15.64 -5.93
N LYS A 212 -51.60 -16.96 -5.78
CA LYS A 212 -51.95 -17.75 -6.95
C LYS A 212 -52.62 -19.05 -6.52
N LYS A 213 -53.72 -19.37 -7.19
CA LYS A 213 -54.46 -20.61 -7.01
C LYS A 213 -54.29 -21.47 -8.25
N PHE A 214 -53.90 -22.72 -8.06
CA PHE A 214 -53.65 -23.64 -9.16
C PHE A 214 -54.71 -24.73 -9.15
N LYS A 215 -55.42 -24.86 -10.27
CA LYS A 215 -56.34 -25.98 -10.45
C LYS A 215 -55.58 -27.12 -11.10
N PRO A 216 -55.34 -28.23 -10.39
CA PRO A 216 -54.65 -29.35 -11.04
C PRO A 216 -55.44 -29.86 -12.23
N GLU A 217 -54.72 -30.22 -13.29
CA GLU A 217 -55.32 -30.60 -14.55
C GLU A 217 -54.62 -31.82 -15.12
N ILE A 218 -55.39 -32.67 -15.79
CA ILE A 218 -55.08 -34.08 -15.95
C ILE A 218 -55.05 -34.44 -17.43
N ALA A 219 -53.96 -35.08 -17.87
CA ALA A 219 -53.82 -35.55 -19.25
C ALA A 219 -52.65 -36.53 -19.30
N ILE A 220 -52.59 -37.29 -20.39
CA ILE A 220 -51.54 -38.31 -20.57
C ILE A 220 -50.40 -37.63 -21.31
N ARG A 221 -49.52 -36.97 -20.56
CA ARG A 221 -48.37 -36.31 -21.16
C ARG A 221 -47.33 -37.35 -21.58
N PRO A 222 -46.51 -37.04 -22.59
CA PRO A 222 -45.55 -38.03 -23.09
C PRO A 222 -44.66 -38.58 -21.99
N LYS A 223 -44.45 -39.89 -22.02
CA LYS A 223 -43.70 -40.57 -20.97
C LYS A 223 -42.26 -40.10 -20.98
N VAL A 224 -41.86 -39.41 -19.91
CA VAL A 224 -40.48 -38.95 -19.73
C VAL A 224 -39.97 -39.54 -18.42
N ARG A 225 -38.86 -40.28 -18.50
CA ARG A 225 -38.26 -40.93 -17.34
C ARG A 225 -39.28 -41.82 -16.61
N ASP A 226 -39.96 -42.65 -17.39
CA ASP A 226 -40.99 -43.58 -16.88
C ASP A 226 -42.09 -42.84 -16.12
N GLN A 227 -42.57 -41.73 -16.68
CA GLN A 227 -43.64 -41.00 -16.02
C GLN A 227 -44.47 -40.24 -17.06
N GLU A 228 -45.74 -40.61 -17.18
CA GLU A 228 -46.69 -39.93 -18.05
C GLU A 228 -47.23 -38.64 -17.43
N GLY A 229 -47.02 -38.44 -16.12
CA GLY A 229 -47.44 -37.21 -15.47
C GLY A 229 -46.34 -36.17 -15.44
N ARG A 230 -46.70 -34.99 -14.93
CA ARG A 230 -45.79 -33.86 -14.85
C ARG A 230 -45.93 -33.19 -13.49
N MET A 231 -44.83 -32.57 -13.03
CA MET A 231 -44.85 -31.75 -11.82
C MET A 231 -44.12 -30.44 -12.10
N ASN A 232 -44.77 -29.33 -11.78
CA ASN A 232 -44.22 -28.00 -12.00
C ASN A 232 -43.76 -27.42 -10.67
N TYR A 233 -42.53 -26.91 -10.66
CA TYR A 233 -41.88 -26.44 -9.43
C TYR A 233 -41.83 -24.93 -9.41
N TYR A 234 -42.25 -24.34 -8.28
CA TYR A 234 -42.43 -22.90 -8.14
C TYR A 234 -41.58 -22.38 -7.00
N TRP A 235 -41.38 -21.06 -6.96
CA TRP A 235 -40.60 -20.44 -5.91
C TRP A 235 -41.07 -19.00 -5.70
N THR A 236 -40.73 -18.47 -4.52
CA THR A 236 -41.09 -17.10 -4.16
C THR A 236 -40.16 -16.63 -3.05
N LEU A 237 -40.27 -15.35 -2.72
CA LEU A 237 -39.50 -14.74 -1.65
C LEU A 237 -40.44 -14.17 -0.60
N VAL A 238 -40.06 -14.29 0.66
CA VAL A 238 -40.88 -13.85 1.79
C VAL A 238 -40.20 -12.66 2.45
N GLU A 239 -40.88 -11.52 2.48
CA GLU A 239 -40.35 -10.33 3.12
C GLU A 239 -40.35 -10.50 4.63
N PRO A 240 -39.51 -9.75 5.34
CA PRO A 240 -39.54 -9.78 6.80
C PRO A 240 -40.91 -9.37 7.34
N GLY A 241 -41.36 -10.08 8.37
CA GLY A 241 -42.68 -9.82 8.94
C GLY A 241 -43.81 -10.07 7.98
N ASP A 242 -43.73 -11.13 7.18
CA ASP A 242 -44.77 -11.48 6.24
C ASP A 242 -45.13 -12.95 6.37
N LYS A 243 -46.42 -13.25 6.28
CA LYS A 243 -46.93 -14.60 6.41
C LYS A 243 -47.21 -15.18 5.02
N ILE A 244 -46.86 -16.45 4.85
CA ILE A 244 -47.18 -17.19 3.64
C ILE A 244 -48.11 -18.34 4.03
N THR A 245 -49.21 -18.48 3.28
CA THR A 245 -50.27 -19.42 3.62
C THR A 245 -50.41 -20.47 2.53
N PHE A 246 -50.68 -21.70 2.95
CA PHE A 246 -50.87 -22.82 2.04
C PHE A 246 -52.24 -23.43 2.30
N GLU A 247 -52.93 -23.81 1.22
CA GLU A 247 -54.27 -24.38 1.32
C GLU A 247 -54.52 -25.22 0.09
N ALA A 248 -54.82 -26.50 0.29
CA ALA A 248 -55.03 -27.40 -0.84
C ALA A 248 -55.88 -28.59 -0.40
N THR A 249 -56.66 -29.11 -1.34
CA THR A 249 -57.37 -30.36 -1.17
C THR A 249 -56.72 -31.50 -1.93
N GLY A 250 -55.48 -31.31 -2.39
CA GLY A 250 -54.77 -32.34 -3.12
C GLY A 250 -53.78 -31.73 -4.08
N ASN A 251 -52.88 -32.58 -4.57
CA ASN A 251 -51.86 -32.21 -5.56
C ASN A 251 -50.99 -31.06 -5.06
N LEU A 252 -50.47 -31.20 -3.85
CA LEU A 252 -49.55 -30.22 -3.29
C LEU A 252 -48.31 -30.94 -2.77
N VAL A 253 -47.15 -30.48 -3.24
CA VAL A 253 -45.86 -30.96 -2.75
C VAL A 253 -45.29 -29.85 -1.86
N VAL A 254 -45.53 -29.98 -0.56
CA VAL A 254 -45.25 -28.90 0.38
C VAL A 254 -43.74 -28.72 0.54
N PRO A 255 -43.28 -27.52 0.85
CA PRO A 255 -41.87 -27.34 1.21
C PRO A 255 -41.55 -28.03 2.53
N ARG A 256 -40.30 -28.48 2.63
CA ARG A 256 -39.77 -28.98 3.90
C ARG A 256 -38.59 -28.15 4.39
N TYR A 257 -37.61 -27.88 3.51
CA TYR A 257 -36.44 -27.09 3.86
C TYR A 257 -36.42 -25.82 3.03
N ALA A 258 -36.53 -24.67 3.70
CA ALA A 258 -36.44 -23.38 3.05
C ALA A 258 -35.06 -22.77 3.30
N PHE A 259 -34.84 -21.55 2.79
CA PHE A 259 -33.54 -20.92 2.85
C PHE A 259 -33.66 -19.46 3.21
N ALA A 260 -32.82 -19.01 4.16
CA ALA A 260 -32.67 -17.61 4.49
C ALA A 260 -31.34 -17.11 3.94
N MET A 261 -31.34 -15.92 3.35
CA MET A 261 -30.20 -15.48 2.57
C MET A 261 -30.00 -13.98 2.69
N GLU A 262 -28.80 -13.54 2.36
CA GLU A 262 -28.46 -12.13 2.20
C GLU A 262 -27.57 -11.98 0.98
N ARG A 263 -27.84 -10.95 0.18
CA ARG A 263 -27.12 -10.76 -1.07
C ARG A 263 -25.75 -10.18 -0.83
N ASN A 264 -24.75 -10.68 -1.57
CA ASN A 264 -23.39 -10.17 -1.43
C ASN A 264 -23.19 -8.90 -2.25
N ALA A 265 -23.24 -9.04 -3.59
CA ALA A 265 -22.98 -8.03 -4.61
C ALA A 265 -22.25 -8.68 -5.79
N GLY A 266 -20.92 -8.75 -5.69
CA GLY A 266 -20.09 -9.24 -6.77
C GLY A 266 -19.97 -10.75 -6.82
N SER A 267 -21.02 -11.42 -7.30
CA SER A 267 -21.01 -12.86 -7.48
C SER A 267 -21.72 -13.19 -8.79
N GLY A 268 -21.55 -14.43 -9.23
CA GLY A 268 -22.17 -14.84 -10.48
C GLY A 268 -22.14 -16.34 -10.64
N ILE A 269 -22.51 -16.79 -11.84
CA ILE A 269 -22.58 -18.20 -12.18
C ILE A 269 -21.65 -18.45 -13.36
N ILE A 270 -20.83 -19.49 -13.25
CA ILE A 270 -19.87 -19.86 -14.29
C ILE A 270 -20.13 -21.30 -14.70
N ILE A 271 -20.21 -21.53 -16.00
CA ILE A 271 -20.38 -22.87 -16.56
C ILE A 271 -19.03 -23.31 -17.12
N SER A 272 -18.45 -24.36 -16.53
CA SER A 272 -17.13 -24.81 -16.94
C SER A 272 -16.91 -26.25 -16.52
N ASP A 273 -15.91 -26.88 -17.17
CA ASP A 273 -15.41 -28.19 -16.77
C ASP A 273 -14.05 -28.09 -16.07
N THR A 274 -13.58 -26.87 -15.84
CA THR A 274 -12.26 -26.68 -15.24
C THR A 274 -12.24 -27.24 -13.83
N PRO A 275 -11.15 -27.91 -13.42
CA PRO A 275 -11.06 -28.37 -12.03
C PRO A 275 -10.96 -27.21 -11.05
N VAL A 276 -11.37 -27.48 -9.82
CA VAL A 276 -11.32 -26.50 -8.75
C VAL A 276 -10.12 -26.85 -7.86
N HIS A 277 -9.04 -26.09 -8.00
CA HIS A 277 -7.84 -26.29 -7.22
C HIS A 277 -7.85 -25.39 -5.98
N ASP A 278 -6.79 -25.50 -5.18
CA ASP A 278 -6.62 -24.66 -3.98
C ASP A 278 -5.66 -23.53 -4.33
N CYS A 279 -6.23 -22.46 -4.89
CA CYS A 279 -5.53 -21.27 -5.32
C CYS A 279 -6.45 -20.08 -5.08
N ASN A 280 -5.88 -18.88 -4.92
CA ASN A 280 -6.79 -17.80 -4.53
C ASN A 280 -7.34 -16.91 -5.65
N THR A 281 -6.50 -16.03 -6.23
CA THR A 281 -6.81 -15.04 -7.28
C THR A 281 -7.96 -14.08 -6.95
N THR A 282 -8.07 -13.00 -7.74
CA THR A 282 -9.11 -11.98 -7.61
C THR A 282 -9.97 -11.83 -8.85
N CYS A 283 -9.69 -12.55 -9.92
CA CYS A 283 -10.52 -12.55 -11.12
C CYS A 283 -10.59 -13.98 -11.65
N GLN A 284 -11.81 -14.49 -11.82
CA GLN A 284 -12.04 -15.87 -12.24
C GLN A 284 -12.77 -15.88 -13.57
N THR A 285 -12.37 -16.82 -14.43
CA THR A 285 -12.92 -16.99 -15.76
C THR A 285 -13.25 -18.46 -15.95
N PRO A 286 -14.18 -18.78 -16.86
CA PRO A 286 -14.55 -20.20 -17.03
C PRO A 286 -13.37 -21.12 -17.34
N LYS A 287 -12.36 -20.63 -18.05
CA LYS A 287 -11.24 -21.49 -18.45
C LYS A 287 -10.04 -21.39 -17.54
N GLY A 288 -10.12 -20.63 -16.45
CA GLY A 288 -9.00 -20.53 -15.52
C GLY A 288 -9.15 -19.34 -14.60
N ALA A 289 -8.01 -18.90 -14.07
CA ALA A 289 -7.94 -17.71 -13.24
C ALA A 289 -6.83 -16.81 -13.77
N ILE A 290 -7.08 -15.51 -13.78
CA ILE A 290 -6.18 -14.57 -14.41
C ILE A 290 -5.77 -13.49 -13.42
N ASN A 291 -4.60 -12.92 -13.64
CA ASN A 291 -4.13 -11.81 -12.82
C ASN A 291 -4.76 -10.51 -13.29
N THR A 292 -4.91 -9.57 -12.36
CA THR A 292 -5.47 -8.25 -12.64
C THR A 292 -4.39 -7.17 -12.61
N SER A 293 -3.19 -7.51 -13.05
CA SER A 293 -2.09 -6.56 -13.03
C SER A 293 -2.07 -5.64 -14.25
N LEU A 294 -2.90 -5.90 -15.25
CA LEU A 294 -2.92 -5.13 -16.49
C LEU A 294 -4.35 -4.72 -16.82
N PRO A 295 -4.53 -3.58 -17.51
CA PRO A 295 -5.88 -3.06 -17.74
C PRO A 295 -6.69 -3.85 -18.76
N PHE A 296 -6.09 -4.72 -19.55
CA PHE A 296 -6.81 -5.46 -20.58
C PHE A 296 -6.52 -6.96 -20.47
N GLN A 297 -7.48 -7.76 -20.92
CA GLN A 297 -7.32 -9.21 -20.95
C GLN A 297 -8.06 -9.74 -22.18
N ASN A 298 -7.55 -10.84 -22.73
CA ASN A 298 -8.13 -11.43 -23.93
C ASN A 298 -8.43 -12.91 -23.74
N ILE A 299 -8.67 -13.32 -22.49
CA ILE A 299 -8.82 -14.74 -22.18
C ILE A 299 -10.27 -15.19 -22.29
N HIS A 300 -11.21 -14.43 -21.73
CA HIS A 300 -12.61 -14.79 -21.89
C HIS A 300 -13.50 -13.60 -21.59
N PRO A 301 -14.57 -13.39 -22.36
CA PRO A 301 -15.50 -12.29 -22.04
C PRO A 301 -16.18 -12.42 -20.70
N ILE A 302 -16.46 -13.64 -20.26
CA ILE A 302 -17.18 -13.86 -19.00
C ILE A 302 -16.16 -13.90 -17.87
N THR A 303 -16.33 -12.98 -16.91
CA THR A 303 -15.50 -12.95 -15.72
C THR A 303 -16.39 -12.57 -14.54
N ILE A 304 -15.92 -12.89 -13.34
CA ILE A 304 -16.57 -12.47 -12.10
C ILE A 304 -15.51 -11.88 -11.19
N GLY A 305 -15.83 -10.74 -10.57
CA GLY A 305 -14.89 -10.02 -9.73
C GLY A 305 -14.33 -8.79 -10.44
N LYS A 306 -13.44 -8.11 -9.72
CA LYS A 306 -12.76 -6.94 -10.26
C LYS A 306 -11.81 -7.37 -11.37
N CYS A 307 -12.19 -7.13 -12.62
CA CYS A 307 -11.46 -7.71 -13.73
C CYS A 307 -11.14 -6.66 -14.78
N PRO A 308 -10.10 -6.89 -15.58
CA PRO A 308 -9.79 -5.95 -16.67
C PRO A 308 -10.79 -6.04 -17.80
N LYS A 309 -10.75 -5.05 -18.68
CA LYS A 309 -11.59 -5.04 -19.86
C LYS A 309 -11.21 -6.20 -20.78
N TYR A 310 -12.20 -6.93 -21.26
CA TYR A 310 -11.96 -7.99 -22.23
C TYR A 310 -11.95 -7.40 -23.63
N VAL A 311 -10.94 -7.78 -24.42
CA VAL A 311 -10.83 -7.38 -25.81
C VAL A 311 -10.44 -8.60 -26.64
N LYS A 312 -10.67 -8.50 -27.95
CA LYS A 312 -10.30 -9.56 -28.88
C LYS A 312 -8.87 -9.44 -29.38
N SER A 313 -8.12 -8.44 -28.91
CA SER A 313 -6.78 -8.20 -29.43
C SER A 313 -5.81 -9.26 -28.94
N THR A 314 -4.77 -9.52 -29.74
CA THR A 314 -3.70 -10.43 -29.36
C THR A 314 -2.45 -9.71 -28.88
N LYS A 315 -2.35 -8.41 -29.13
CA LYS A 315 -1.20 -7.63 -28.69
C LYS A 315 -1.62 -6.19 -28.47
N LEU A 316 -1.28 -5.66 -27.30
CA LEU A 316 -1.51 -4.24 -26.96
C LEU A 316 -0.30 -3.77 -26.16
N ARG A 317 0.70 -3.24 -26.87
CA ARG A 317 1.96 -2.82 -26.26
C ARG A 317 2.18 -1.34 -26.53
N LEU A 318 2.31 -0.57 -25.46
CA LEU A 318 2.61 0.86 -25.55
C LEU A 318 4.11 1.07 -25.54
N ALA A 319 4.63 1.77 -26.55
CA ALA A 319 6.03 2.15 -26.54
C ALA A 319 6.27 3.22 -25.49
N THR A 320 7.40 3.11 -24.80
CA THR A 320 7.85 4.15 -23.89
C THR A 320 9.22 4.70 -24.24
N GLY A 321 10.10 3.88 -24.81
CA GLY A 321 11.42 4.31 -25.19
C GLY A 321 11.51 4.72 -26.65
N LEU A 322 12.75 4.85 -27.12
CA LEU A 322 13.03 5.27 -28.49
C LEU A 322 13.07 4.07 -29.42
N ARG A 323 13.27 4.33 -30.70
CA ARG A 323 13.60 3.28 -31.65
C ARG A 323 14.98 2.73 -31.31
N ASN A 324 15.10 1.40 -31.26
CA ASN A 324 16.32 0.75 -30.82
C ASN A 324 17.21 0.49 -32.04
N ILE A 325 18.29 1.27 -32.15
CA ILE A 325 19.21 1.14 -33.28
C ILE A 325 20.63 0.97 -32.74
N PRO A 326 20.99 -0.24 -32.27
CA PRO A 326 22.38 -0.49 -31.87
C PRO A 326 23.33 -0.50 -33.06
N SER A 327 24.60 -0.81 -32.81
CA SER A 327 25.64 -0.74 -33.83
C SER A 327 25.20 -1.39 -35.15
N ILE A 328 25.23 -0.60 -36.22
CA ILE A 328 24.83 -1.08 -37.53
C ILE A 328 25.99 -0.99 -38.51
N GLY B 1 12.49 10.36 -38.41
CA GLY B 1 11.05 10.31 -38.54
C GLY B 1 10.44 11.67 -38.80
N LEU B 2 9.45 12.04 -37.99
CA LEU B 2 8.74 13.31 -38.19
C LEU B 2 9.64 14.52 -37.99
N PHE B 3 10.76 14.36 -37.27
CA PHE B 3 11.68 15.46 -37.04
C PHE B 3 13.07 15.21 -37.61
N GLY B 4 13.30 14.06 -38.24
CA GLY B 4 14.48 13.85 -39.05
C GLY B 4 15.77 13.57 -38.31
N ALA B 5 15.74 13.45 -36.99
CA ALA B 5 16.97 13.21 -36.24
C ALA B 5 17.23 11.73 -35.99
N ILE B 6 16.32 11.07 -35.27
CA ILE B 6 16.49 9.65 -34.98
C ILE B 6 16.25 8.85 -36.25
N ALA B 7 17.18 7.94 -36.56
CA ALA B 7 17.19 7.21 -37.83
C ALA B 7 17.17 8.17 -39.02
N GLY B 8 17.58 9.41 -38.79
CA GLY B 8 17.70 10.42 -39.84
C GLY B 8 19.12 10.89 -39.95
N PHE B 9 19.38 12.17 -39.63
CA PHE B 9 20.74 12.66 -39.70
C PHE B 9 21.61 12.18 -38.55
N ILE B 10 21.03 11.54 -37.54
CA ILE B 10 21.77 10.78 -36.53
C ILE B 10 21.39 9.33 -36.74
N GLU B 11 22.23 8.58 -37.46
CA GLU B 11 21.82 7.31 -38.04
C GLU B 11 21.46 6.28 -36.97
N GLY B 12 22.26 6.15 -35.92
CA GLY B 12 22.10 5.07 -34.98
C GLY B 12 22.23 5.52 -33.55
N GLY B 13 21.94 4.58 -32.64
CA GLY B 13 21.99 4.84 -31.22
C GLY B 13 23.34 4.49 -30.61
N TRP B 14 23.45 4.77 -29.32
CA TRP B 14 24.68 4.54 -28.55
C TRP B 14 24.40 3.46 -27.52
N THR B 15 24.82 2.22 -27.83
CA THR B 15 24.67 1.14 -26.86
C THR B 15 25.50 1.39 -25.61
N GLY B 16 26.62 2.09 -25.74
CA GLY B 16 27.49 2.37 -24.62
C GLY B 16 27.03 3.49 -23.72
N MET B 17 25.89 4.09 -24.02
CA MET B 17 25.30 5.15 -23.21
C MET B 17 24.11 4.53 -22.48
N VAL B 18 24.33 4.13 -21.22
CA VAL B 18 23.36 3.32 -20.49
C VAL B 18 22.58 4.11 -19.45
N ASP B 19 22.97 5.35 -19.16
CA ASP B 19 22.41 6.11 -18.04
C ASP B 19 21.40 7.16 -18.48
N GLY B 20 20.97 7.15 -19.73
CA GLY B 20 20.00 8.14 -20.17
C GLY B 20 19.47 7.83 -21.56
N TRP B 21 18.43 8.57 -21.93
CA TRP B 21 17.80 8.44 -23.23
C TRP B 21 18.48 9.27 -24.30
N TYR B 22 18.84 10.51 -23.98
CA TYR B 22 19.50 11.41 -24.90
C TYR B 22 20.74 11.99 -24.22
N GLY B 23 21.69 12.43 -25.02
CA GLY B 23 22.86 13.08 -24.44
C GLY B 23 24.00 13.17 -25.44
N TYR B 24 25.21 13.20 -24.91
CA TYR B 24 26.39 13.58 -25.66
C TYR B 24 27.50 12.55 -25.53
N HIS B 25 28.40 12.56 -26.51
CA HIS B 25 29.70 11.91 -26.41
C HIS B 25 30.77 12.95 -26.71
N HIS B 26 31.78 13.01 -25.86
CA HIS B 26 32.83 14.01 -25.97
C HIS B 26 34.18 13.33 -26.19
N GLN B 27 35.16 14.14 -26.59
CA GLN B 27 36.53 13.67 -26.80
C GLN B 27 37.46 14.86 -26.81
N ASN B 28 38.39 14.91 -25.87
CA ASN B 28 39.36 16.00 -25.82
C ASN B 28 40.66 15.47 -25.20
N GLU B 29 41.54 16.38 -24.80
CA GLU B 29 42.81 15.97 -24.21
C GLU B 29 42.62 15.25 -22.88
N GLN B 30 41.69 15.73 -22.05
CA GLN B 30 41.48 15.11 -20.74
C GLN B 30 40.94 13.67 -20.88
N GLY B 31 40.01 13.45 -21.79
CA GLY B 31 39.44 12.13 -21.94
C GLY B 31 38.24 12.16 -22.89
N SER B 32 37.47 11.07 -22.86
CA SER B 32 36.31 10.92 -23.72
C SER B 32 35.20 10.24 -22.92
N GLY B 33 34.13 9.85 -23.61
CA GLY B 33 33.06 9.10 -22.97
C GLY B 33 31.66 9.64 -23.24
N TYR B 34 30.66 8.79 -23.05
CA TYR B 34 29.27 9.18 -23.18
C TYR B 34 28.76 9.74 -21.86
N ALA B 35 27.91 10.76 -21.95
CA ALA B 35 27.28 11.35 -20.77
C ALA B 35 25.84 11.71 -21.08
N ALA B 36 24.93 11.31 -20.20
CA ALA B 36 23.52 11.58 -20.42
C ALA B 36 23.20 13.05 -20.15
N ASP B 37 22.25 13.58 -20.94
CA ASP B 37 21.73 14.92 -20.71
C ASP B 37 20.57 14.81 -19.73
N LEU B 38 20.76 15.38 -18.53
CA LEU B 38 19.77 15.19 -17.48
C LEU B 38 18.45 15.89 -17.81
N LYS B 39 18.52 17.15 -18.24
CA LYS B 39 17.30 17.94 -18.40
C LYS B 39 16.34 17.31 -19.40
N SER B 40 16.84 16.96 -20.59
CA SER B 40 15.97 16.36 -21.59
C SER B 40 15.47 14.99 -21.16
N THR B 41 16.38 14.16 -20.61
CA THR B 41 15.97 12.83 -20.15
C THR B 41 14.97 12.92 -19.01
N GLN B 42 15.21 13.82 -18.06
CA GLN B 42 14.32 13.93 -16.90
C GLN B 42 12.92 14.37 -17.33
N ASN B 43 12.83 15.38 -18.20
CA ASN B 43 11.53 15.85 -18.65
C ASN B 43 10.81 14.77 -19.46
N ALA B 44 11.54 14.07 -20.33
CA ALA B 44 10.91 13.06 -21.17
C ALA B 44 10.36 11.91 -20.34
N ILE B 45 11.07 11.52 -19.28
CA ILE B 45 10.57 10.45 -18.41
C ILE B 45 9.26 10.87 -17.75
N ASP B 46 9.19 12.14 -17.31
CA ASP B 46 7.94 12.67 -16.77
C ASP B 46 6.83 12.63 -17.81
N GLY B 47 7.13 13.02 -19.05
CA GLY B 47 6.11 13.06 -20.08
C GLY B 47 5.54 11.69 -20.40
N ILE B 48 6.42 10.69 -20.56
CA ILE B 48 5.96 9.36 -20.90
C ILE B 48 5.18 8.75 -19.75
N THR B 49 5.62 8.98 -18.51
CA THR B 49 4.85 8.52 -17.37
C THR B 49 3.47 9.15 -17.35
N ASN B 50 3.40 10.45 -17.63
CA ASN B 50 2.10 11.12 -17.75
C ASN B 50 1.27 10.50 -18.89
N LYS B 51 1.91 10.22 -20.02
CA LYS B 51 1.19 9.63 -21.15
C LYS B 51 0.63 8.26 -20.80
N VAL B 52 1.45 7.41 -20.18
CA VAL B 52 0.97 6.09 -19.79
C VAL B 52 -0.11 6.21 -18.72
N ASN B 53 0.07 7.14 -17.77
CA ASN B 53 -0.94 7.34 -16.74
C ASN B 53 -2.26 7.79 -17.35
N SER B 54 -2.21 8.73 -18.30
CA SER B 54 -3.44 9.25 -18.90
C SER B 54 -4.22 8.19 -19.66
N VAL B 55 -3.60 7.06 -19.98
CA VAL B 55 -4.30 5.98 -20.67
C VAL B 55 -4.86 4.95 -19.69
N ILE B 56 -4.09 4.60 -18.65
CA ILE B 56 -4.45 3.47 -17.80
C ILE B 56 -5.14 3.87 -16.49
N GLU B 57 -4.93 5.09 -16.01
CA GLU B 57 -5.49 5.47 -14.71
C GLU B 57 -7.02 5.44 -14.74
N LYS B 58 -7.61 5.85 -15.85
CA LYS B 58 -9.07 5.81 -15.97
C LYS B 58 -9.60 4.44 -16.36
N MET B 59 -8.72 3.49 -16.66
CA MET B 59 -9.14 2.11 -16.96
C MET B 59 -9.19 1.27 -15.69
N ASN B 60 -9.95 1.74 -14.70
CA ASN B 60 -10.07 1.02 -13.45
C ASN B 60 -10.80 -0.31 -13.66
N THR B 61 -10.38 -1.33 -12.91
CA THR B 61 -11.05 -2.62 -12.97
C THR B 61 -12.48 -2.49 -12.47
N GLN B 62 -13.39 -3.21 -13.11
CA GLN B 62 -14.81 -3.15 -12.79
C GLN B 62 -15.35 -4.57 -12.58
N PHE B 63 -16.55 -4.64 -12.03
CA PHE B 63 -17.24 -5.92 -11.84
C PHE B 63 -18.05 -6.23 -13.09
N THR B 64 -17.69 -7.32 -13.76
CA THR B 64 -18.41 -7.74 -14.96
C THR B 64 -19.83 -8.17 -14.60
N ALA B 65 -20.79 -7.75 -15.40
CA ALA B 65 -22.18 -8.09 -15.16
C ALA B 65 -22.41 -9.58 -15.34
N VAL B 66 -23.50 -10.07 -14.73
CA VAL B 66 -23.82 -11.49 -14.78
C VAL B 66 -24.17 -11.90 -16.20
N GLY B 67 -23.62 -13.03 -16.63
CA GLY B 67 -24.02 -13.62 -17.89
C GLY B 67 -25.45 -14.10 -17.85
N LYS B 68 -26.32 -13.48 -18.64
CA LYS B 68 -27.74 -13.75 -18.55
C LYS B 68 -28.08 -15.11 -19.17
N GLU B 69 -29.18 -15.69 -18.70
CA GLU B 69 -29.73 -16.92 -19.25
C GLU B 69 -31.16 -16.68 -19.69
N PHE B 70 -31.52 -17.21 -20.85
CA PHE B 70 -32.83 -17.00 -21.43
C PHE B 70 -33.42 -18.33 -21.87
N ASN B 71 -34.75 -18.41 -21.89
CA ASN B 71 -35.42 -19.63 -22.27
C ASN B 71 -35.74 -19.62 -23.76
N HIS B 72 -36.53 -20.59 -24.22
CA HIS B 72 -36.86 -20.73 -25.63
C HIS B 72 -37.82 -19.66 -26.12
N LEU B 73 -38.59 -19.04 -25.23
CA LEU B 73 -39.52 -17.98 -25.61
C LEU B 73 -38.94 -16.59 -25.36
N GLU B 74 -37.62 -16.48 -25.23
CA GLU B 74 -36.96 -15.23 -24.95
C GLU B 74 -35.83 -14.96 -25.94
N LYS B 75 -36.00 -15.39 -27.19
CA LYS B 75 -34.96 -15.23 -28.20
C LYS B 75 -34.72 -13.76 -28.52
N ARG B 76 -35.78 -12.95 -28.57
CA ARG B 76 -35.62 -11.54 -28.91
C ARG B 76 -34.75 -10.82 -27.90
N ILE B 77 -35.02 -11.01 -26.60
CA ILE B 77 -34.20 -10.36 -25.59
C ILE B 77 -32.85 -11.06 -25.47
N GLU B 78 -32.78 -12.35 -25.83
CA GLU B 78 -31.49 -13.01 -25.89
C GLU B 78 -30.62 -12.39 -26.97
N ASN B 79 -31.20 -12.13 -28.15
CA ASN B 79 -30.46 -11.50 -29.22
C ASN B 79 -30.09 -10.06 -28.87
N LEU B 80 -30.99 -9.35 -28.19
CA LEU B 80 -30.68 -8.00 -27.75
C LEU B 80 -29.50 -8.01 -26.78
N ASN B 81 -29.49 -8.96 -25.85
CA ASN B 81 -28.34 -9.09 -24.96
C ASN B 81 -27.07 -9.40 -25.76
N LYS B 82 -27.17 -10.29 -26.74
CA LYS B 82 -26.01 -10.59 -27.58
C LYS B 82 -25.57 -9.36 -28.38
N LYS B 83 -26.52 -8.58 -28.87
CA LYS B 83 -26.18 -7.36 -29.59
C LYS B 83 -25.46 -6.38 -28.67
N VAL B 84 -25.91 -6.27 -27.42
CA VAL B 84 -25.26 -5.37 -26.47
C VAL B 84 -23.84 -5.81 -26.18
N ASP B 85 -23.65 -7.11 -25.90
CA ASP B 85 -22.32 -7.62 -25.59
C ASP B 85 -21.38 -7.45 -26.78
N ASP B 86 -21.84 -7.79 -27.98
CA ASP B 86 -20.99 -7.68 -29.16
C ASP B 86 -20.70 -6.22 -29.49
N GLY B 87 -21.69 -5.34 -29.29
CA GLY B 87 -21.49 -3.93 -29.61
C GLY B 87 -20.39 -3.29 -28.78
N PHE B 88 -20.41 -3.54 -27.47
CA PHE B 88 -19.38 -2.97 -26.60
C PHE B 88 -18.01 -3.56 -26.92
N LEU B 89 -17.96 -4.87 -27.16
CA LEU B 89 -16.67 -5.52 -27.41
C LEU B 89 -16.00 -4.97 -28.66
N ASP B 90 -16.77 -4.75 -29.72
CA ASP B 90 -16.18 -4.26 -30.96
C ASP B 90 -15.60 -2.87 -30.77
N ILE B 91 -16.29 -2.00 -30.01
CA ILE B 91 -15.84 -0.63 -29.84
C ILE B 91 -14.54 -0.60 -29.03
N TRP B 92 -14.50 -1.31 -27.90
CA TRP B 92 -13.30 -1.31 -27.08
C TRP B 92 -12.13 -1.97 -27.80
N THR B 93 -12.39 -3.07 -28.51
CA THR B 93 -11.31 -3.76 -29.22
C THR B 93 -10.74 -2.87 -30.32
N TYR B 94 -11.61 -2.24 -31.12
CA TYR B 94 -11.15 -1.39 -32.19
C TYR B 94 -10.46 -0.13 -31.66
N ASN B 95 -11.03 0.50 -30.63
CA ASN B 95 -10.46 1.74 -30.11
C ASN B 95 -9.11 1.50 -29.46
N ALA B 96 -9.02 0.47 -28.60
CA ALA B 96 -7.77 0.21 -27.89
C ALA B 96 -6.62 -0.08 -28.86
N GLU B 97 -6.88 -0.91 -29.87
CA GLU B 97 -5.84 -1.17 -30.87
C GLU B 97 -5.45 0.11 -31.59
N LEU B 98 -6.44 0.86 -32.06
CA LEU B 98 -6.15 2.08 -32.81
C LEU B 98 -5.47 3.12 -31.95
N LEU B 99 -5.92 3.28 -30.69
CA LEU B 99 -5.33 4.29 -29.83
C LEU B 99 -3.86 4.00 -29.56
N VAL B 100 -3.51 2.74 -29.30
CA VAL B 100 -2.11 2.39 -29.03
C VAL B 100 -1.24 2.67 -30.25
N LEU B 101 -1.74 2.31 -31.44
CA LEU B 101 -1.00 2.59 -32.67
C LEU B 101 -0.72 4.07 -32.82
N LEU B 102 -1.75 4.91 -32.63
CA LEU B 102 -1.56 6.35 -32.76
C LEU B 102 -0.64 6.89 -31.68
N GLU B 103 -0.82 6.42 -30.44
CA GLU B 103 0.04 6.87 -29.35
C GLU B 103 1.49 6.49 -29.58
N ASN B 104 1.74 5.26 -30.07
CA ASN B 104 3.11 4.81 -30.28
C ASN B 104 3.82 5.67 -31.32
N GLU B 105 3.10 6.09 -32.36
CA GLU B 105 3.70 6.97 -33.37
C GLU B 105 4.11 8.30 -32.76
N ARG B 106 3.27 8.86 -31.88
CA ARG B 106 3.62 10.12 -31.23
C ARG B 106 4.77 9.95 -30.25
N THR B 107 4.84 8.80 -29.58
CA THR B 107 5.94 8.56 -28.65
C THR B 107 7.28 8.59 -29.37
N LEU B 108 7.38 7.92 -30.52
CA LEU B 108 8.62 7.93 -31.29
C LEU B 108 8.93 9.33 -31.81
N ASP B 109 7.91 10.05 -32.29
CA ASP B 109 8.12 11.42 -32.75
C ASP B 109 8.55 12.31 -31.58
N TYR B 110 7.99 12.07 -30.39
CA TYR B 110 8.36 12.84 -29.22
C TYR B 110 9.85 12.69 -28.90
N HIS B 111 10.35 11.44 -28.95
CA HIS B 111 11.78 11.22 -28.78
C HIS B 111 12.57 11.87 -29.91
N ASP B 112 12.06 11.80 -31.14
CA ASP B 112 12.73 12.44 -32.26
C ASP B 112 12.83 13.95 -32.06
N SER B 113 11.75 14.58 -31.59
CA SER B 113 11.75 16.02 -31.37
C SER B 113 12.79 16.40 -30.31
N ASN B 114 12.85 15.64 -29.22
CA ASN B 114 13.76 15.98 -28.12
C ASN B 114 15.22 15.90 -28.55
N VAL B 115 15.56 14.92 -29.39
CA VAL B 115 16.92 14.84 -29.92
C VAL B 115 17.21 16.05 -30.80
N LYS B 116 16.28 16.37 -31.70
CA LYS B 116 16.47 17.51 -32.60
C LYS B 116 16.59 18.81 -31.81
N ASN B 117 15.73 19.00 -30.81
CA ASN B 117 15.83 20.20 -29.98
C ASN B 117 17.14 20.26 -29.24
N LEU B 118 17.61 19.11 -28.74
CA LEU B 118 18.90 19.06 -28.06
C LEU B 118 20.04 19.42 -29.01
N TYR B 119 19.99 18.88 -30.24
CA TYR B 119 21.02 19.21 -31.22
C TYR B 119 21.00 20.69 -31.57
N GLU B 120 19.81 21.28 -31.71
CA GLU B 120 19.73 22.69 -32.07
C GLU B 120 20.31 23.58 -30.98
N LYS B 121 20.11 23.21 -29.71
CA LYS B 121 20.62 24.03 -28.62
C LYS B 121 22.14 24.13 -28.68
N VAL B 122 22.81 23.01 -28.97
CA VAL B 122 24.26 23.03 -29.10
C VAL B 122 24.67 23.83 -30.33
N ARG B 123 23.99 23.61 -31.46
CA ARG B 123 24.33 24.31 -32.69
C ARG B 123 24.12 25.81 -32.55
N SER B 124 23.05 26.22 -31.86
CA SER B 124 22.78 27.63 -31.67
C SER B 124 23.88 28.31 -30.85
N GLN B 125 24.57 27.54 -30.01
CA GLN B 125 25.60 28.12 -29.15
C GLN B 125 26.94 28.26 -29.87
N LEU B 126 27.41 27.17 -30.49
CA LEU B 126 28.79 27.14 -31.00
C LEU B 126 28.99 28.10 -32.17
N LYS B 127 28.06 28.11 -33.12
CA LYS B 127 28.08 29.04 -34.27
C LYS B 127 29.38 28.81 -35.05
N ASN B 128 30.15 29.85 -35.36
CA ASN B 128 31.35 29.71 -36.19
C ASN B 128 32.48 28.99 -35.48
N ASN B 129 32.42 28.84 -34.16
CA ASN B 129 33.52 28.27 -33.40
C ASN B 129 33.65 26.76 -33.58
N ALA B 130 32.70 26.12 -34.24
CA ALA B 130 32.76 24.68 -34.46
C ALA B 130 32.24 24.36 -35.85
N LYS B 131 32.62 23.20 -36.36
CA LYS B 131 32.25 22.74 -37.69
C LYS B 131 31.26 21.59 -37.57
N GLU B 132 30.14 21.70 -38.28
CA GLU B 132 29.12 20.65 -38.30
C GLU B 132 29.58 19.55 -39.24
N ILE B 133 29.96 18.40 -38.69
CA ILE B 133 30.53 17.31 -39.48
C ILE B 133 29.53 16.18 -39.72
N GLY B 134 28.25 16.43 -39.47
CA GLY B 134 27.23 15.43 -39.72
C GLY B 134 27.15 14.38 -38.62
N ASN B 135 26.10 13.58 -38.69
CA ASN B 135 25.79 12.56 -37.68
C ASN B 135 25.68 13.17 -36.29
N GLY B 136 25.21 14.42 -36.21
CA GLY B 136 25.02 15.06 -34.94
C GLY B 136 26.29 15.39 -34.18
N CYS B 137 27.42 15.46 -34.86
CA CYS B 137 28.70 15.71 -34.21
C CYS B 137 29.25 17.08 -34.58
N PHE B 138 29.95 17.69 -33.63
CA PHE B 138 30.58 18.99 -33.82
C PHE B 138 32.09 18.83 -33.63
N GLU B 139 32.86 19.43 -34.54
CA GLU B 139 34.31 19.50 -34.41
C GLU B 139 34.69 20.95 -34.13
N PHE B 140 35.33 21.17 -32.98
CA PHE B 140 35.69 22.53 -32.58
C PHE B 140 36.89 23.04 -33.35
N TYR B 141 36.89 24.33 -33.62
CA TYR B 141 38.07 25.02 -34.16
C TYR B 141 39.02 25.47 -33.07
N HIS B 142 38.69 25.20 -31.81
CA HIS B 142 39.52 25.55 -30.67
C HIS B 142 39.58 24.37 -29.72
N LYS B 143 40.52 24.43 -28.78
CA LYS B 143 40.58 23.41 -27.74
C LYS B 143 39.46 23.62 -26.74
N CYS B 144 38.70 22.56 -26.46
CA CYS B 144 37.58 22.59 -25.53
C CYS B 144 37.85 21.55 -24.45
N ASP B 145 38.27 22.00 -23.27
CA ASP B 145 38.60 21.10 -22.18
C ASP B 145 37.32 20.58 -21.54
N ASN B 146 37.45 19.83 -20.45
CA ASN B 146 36.27 19.28 -19.78
C ASN B 146 35.35 20.39 -19.28
N THR B 147 35.94 21.45 -18.73
CA THR B 147 35.12 22.58 -18.26
C THR B 147 34.36 23.22 -19.42
N CYS B 148 35.03 23.39 -20.57
CA CYS B 148 34.35 23.97 -21.74
C CYS B 148 33.21 23.09 -22.22
N MET B 149 33.40 21.76 -22.19
CA MET B 149 32.37 20.85 -22.68
C MET B 149 31.07 20.97 -21.89
N GLU B 150 31.18 21.07 -20.56
CA GLU B 150 29.97 21.18 -19.74
C GLU B 150 29.23 22.49 -19.99
N SER B 151 29.95 23.56 -20.35
CA SER B 151 29.28 24.82 -20.66
C SER B 151 28.37 24.68 -21.86
N VAL B 152 28.79 23.90 -22.87
CA VAL B 152 27.92 23.61 -24.00
C VAL B 152 26.71 22.80 -23.57
N LYS B 153 26.91 21.82 -22.70
CA LYS B 153 25.83 21.02 -22.15
C LYS B 153 25.04 21.77 -21.07
N ASN B 154 25.23 23.08 -20.97
CA ASN B 154 24.57 23.90 -19.96
C ASN B 154 23.80 25.09 -20.52
N GLY B 155 24.08 25.52 -21.75
CA GLY B 155 23.53 26.76 -22.24
C GLY B 155 24.32 27.98 -21.84
N THR B 156 25.60 27.80 -21.50
CA THR B 156 26.45 28.87 -20.98
C THR B 156 27.63 29.20 -21.89
N TYR B 157 27.97 28.33 -22.83
CA TYR B 157 29.16 28.44 -23.68
C TYR B 157 29.43 29.86 -24.11
N ASP B 158 30.66 30.32 -23.89
CA ASP B 158 31.07 31.70 -24.15
C ASP B 158 31.71 31.76 -25.53
N TYR B 159 30.94 32.23 -26.51
CA TYR B 159 31.46 32.34 -27.88
C TYR B 159 32.64 33.30 -27.97
N PRO B 160 32.58 34.53 -27.44
CA PRO B 160 33.76 35.43 -27.56
C PRO B 160 35.00 34.90 -26.88
N LYS B 161 34.86 34.07 -25.83
CA LYS B 161 36.03 33.59 -25.09
C LYS B 161 36.94 32.76 -25.99
N TYR B 162 36.35 31.90 -26.82
CA TYR B 162 37.11 31.08 -27.75
C TYR B 162 37.05 31.61 -29.18
N SER B 163 36.41 32.75 -29.40
CA SER B 163 36.23 33.26 -30.76
C SER B 163 37.57 33.61 -31.39
N GLU B 164 38.42 34.34 -30.65
CA GLU B 164 39.71 34.76 -31.20
C GLU B 164 40.56 33.56 -31.58
N GLU B 165 40.60 32.55 -30.70
CA GLU B 165 41.27 31.30 -31.05
C GLU B 165 40.63 30.68 -32.27
N ALA B 166 39.34 30.31 -32.17
CA ALA B 166 38.68 29.55 -33.23
C ALA B 166 38.73 30.28 -34.57
N LYS B 167 38.72 31.62 -34.55
CA LYS B 167 38.76 32.36 -35.81
C LYS B 167 40.06 32.09 -36.57
N LEU B 168 41.19 32.04 -35.87
CA LEU B 168 42.47 31.84 -36.53
C LEU B 168 42.57 30.45 -37.15
N ASN B 169 42.19 29.42 -36.41
CA ASN B 169 42.23 28.06 -36.95
C ASN B 169 41.27 27.88 -38.10
N ARG B 170 40.11 28.53 -38.03
CA ARG B 170 39.13 28.41 -39.11
C ARG B 170 39.69 29.00 -40.41
N GLU B 171 40.23 30.21 -40.35
CA GLU B 171 40.76 30.84 -41.56
C GLU B 171 42.07 30.20 -42.01
N GLU B 172 42.74 29.46 -41.13
CA GLU B 172 43.98 28.79 -41.53
C GLU B 172 43.69 27.68 -42.54
N ILE B 173 42.66 26.87 -42.28
CA ILE B 173 42.27 25.85 -43.26
C ILE B 173 41.46 26.49 -44.38
N ASP B 174 40.82 27.63 -44.12
CA ASP B 174 40.15 28.39 -45.16
C ASP B 174 41.14 29.04 -46.12
N SER B 175 42.43 29.01 -45.81
CA SER B 175 43.43 29.59 -46.69
C SER B 175 44.57 28.61 -46.92
N VAL C 2 -4.62 11.62 -3.46
CA VAL C 2 -4.26 10.22 -3.32
C VAL C 2 -3.60 9.98 -1.97
N GLN C 3 -3.71 8.76 -1.46
CA GLN C 3 -3.15 8.38 -0.17
C GLN C 3 -2.39 7.08 -0.29
N LEU C 4 -1.13 7.08 0.11
CA LEU C 4 -0.31 5.88 0.14
C LEU C 4 -0.48 5.19 1.49
N VAL C 5 -0.81 3.90 1.46
CA VAL C 5 -1.02 3.10 2.67
C VAL C 5 -0.03 1.96 2.66
N GLN C 6 0.77 1.87 3.72
CA GLN C 6 1.83 0.87 3.82
C GLN C 6 1.42 -0.26 4.75
N SER C 7 2.15 -1.37 4.66
CA SER C 7 1.91 -2.51 5.52
C SER C 7 2.30 -2.18 6.96
N GLY C 8 1.83 -3.02 7.88
CA GLY C 8 2.02 -2.75 9.29
C GLY C 8 3.45 -2.99 9.75
N ALA C 9 3.70 -2.62 11.00
CA ALA C 9 5.01 -2.79 11.60
C ALA C 9 5.33 -4.28 11.72
N GLU C 10 6.62 -4.60 11.66
CA GLU C 10 7.07 -5.99 11.67
C GLU C 10 8.30 -6.13 12.56
N VAL C 11 8.47 -7.33 13.09
CA VAL C 11 9.67 -7.71 13.85
C VAL C 11 10.30 -8.91 13.17
N LYS C 12 11.62 -8.86 13.00
CA LYS C 12 12.33 -9.91 12.27
C LYS C 12 13.66 -10.18 12.96
N LYS C 13 14.09 -11.43 12.89
CA LYS C 13 15.39 -11.77 13.45
C LYS C 13 16.49 -11.52 12.42
N PRO C 14 17.71 -11.24 12.87
CA PRO C 14 18.80 -10.95 11.93
C PRO C 14 19.04 -12.10 10.96
N GLY C 15 19.37 -11.75 9.72
CA GLY C 15 19.62 -12.72 8.68
C GLY C 15 18.41 -13.15 7.88
N SER C 16 17.20 -12.68 8.23
CA SER C 16 15.98 -13.03 7.53
C SER C 16 15.74 -12.05 6.38
N SER C 17 14.52 -12.05 5.85
CA SER C 17 14.12 -11.10 4.81
C SER C 17 12.74 -10.54 5.13
N VAL C 18 12.54 -9.26 4.81
CA VAL C 18 11.29 -8.55 5.09
C VAL C 18 10.79 -7.90 3.81
N LYS C 19 9.48 -7.96 3.59
CA LYS C 19 8.83 -7.35 2.43
C LYS C 19 7.76 -6.38 2.89
N VAL C 20 7.80 -5.16 2.36
CA VAL C 20 6.87 -4.10 2.74
C VAL C 20 6.08 -3.69 1.51
N SER C 21 4.77 -3.52 1.68
CA SER C 21 3.88 -3.10 0.60
C SER C 21 3.54 -1.62 0.73
N CYS C 22 3.12 -1.05 -0.40
CA CYS C 22 2.77 0.37 -0.44
C CYS C 22 1.74 0.56 -1.56
N GLU C 23 0.48 0.74 -1.20
CA GLU C 23 -0.62 0.80 -2.15
C GLU C 23 -1.21 2.22 -2.22
N ALA C 24 -1.71 2.57 -3.39
CA ALA C 24 -2.39 3.85 -3.61
C ALA C 24 -3.89 3.64 -3.63
N SER C 25 -4.63 4.75 -3.60
CA SER C 25 -6.07 4.74 -3.43
C SER C 25 -6.76 5.16 -4.72
N GLY C 26 -7.78 4.39 -5.12
CA GLY C 26 -8.61 4.76 -6.25
C GLY C 26 -7.86 4.90 -7.55
N VAL C 27 -6.92 4.00 -7.82
CA VAL C 27 -6.01 4.10 -8.95
C VAL C 27 -6.06 2.85 -9.82
N THR C 28 -6.01 1.67 -9.20
CA THR C 28 -5.89 0.39 -9.88
C THR C 28 -4.60 0.30 -10.69
N PHE C 29 -4.49 1.11 -11.73
CA PHE C 29 -3.34 1.08 -12.63
C PHE C 29 -2.66 2.45 -12.66
N SER C 30 -1.35 2.45 -12.44
CA SER C 30 -0.57 3.67 -12.47
C SER C 30 0.84 3.34 -12.87
N SER C 31 1.54 4.35 -13.41
CA SER C 31 2.93 4.19 -13.83
C SER C 31 3.86 5.16 -13.11
N TYR C 32 3.37 5.85 -12.06
CA TYR C 32 4.21 6.76 -11.30
C TYR C 32 5.40 6.02 -10.71
N ALA C 33 6.56 6.66 -10.75
CA ALA C 33 7.73 6.12 -10.07
C ALA C 33 7.57 6.28 -8.57
N VAL C 34 8.05 5.30 -7.81
CA VAL C 34 7.90 5.27 -6.36
C VAL C 34 9.26 5.01 -5.72
N SER C 35 9.61 5.84 -4.74
CA SER C 35 10.86 5.72 -4.02
C SER C 35 10.62 5.27 -2.59
N TRP C 36 11.62 4.62 -2.01
CA TRP C 36 11.58 4.16 -0.62
C TRP C 36 12.68 4.85 0.17
N VAL C 37 12.33 5.37 1.34
CA VAL C 37 13.26 6.09 2.19
C VAL C 37 13.10 5.60 3.62
N ARG C 38 14.22 5.24 4.25
CA ARG C 38 14.21 4.77 5.63
C ARG C 38 14.76 5.86 6.56
N GLN C 39 14.40 5.75 7.82
CA GLN C 39 14.82 6.71 8.84
C GLN C 39 15.16 5.95 10.13
N ALA C 40 16.45 5.85 10.42
CA ALA C 40 16.88 5.26 11.68
C ALA C 40 16.46 6.17 12.84
N PRO C 41 16.22 5.59 14.02
CA PRO C 41 15.72 6.40 15.14
C PRO C 41 16.65 7.56 15.48
N GLY C 42 16.12 8.77 15.39
CA GLY C 42 16.86 9.97 15.71
C GLY C 42 17.74 10.51 14.61
N GLN C 43 17.83 9.83 13.46
CA GLN C 43 18.68 10.26 12.37
C GLN C 43 17.82 10.89 11.26
N GLY C 44 18.50 11.28 10.17
CA GLY C 44 17.83 11.88 9.04
C GLY C 44 17.31 10.86 8.06
N LEU C 45 16.82 11.37 6.93
CA LEU C 45 16.31 10.50 5.88
C LEU C 45 17.44 9.91 5.05
N GLU C 46 17.20 8.71 4.53
CA GLU C 46 18.19 7.99 3.74
C GLU C 46 17.47 7.35 2.55
N TRP C 47 17.90 7.67 1.34
CA TRP C 47 17.28 7.14 0.13
C TRP C 47 17.83 5.76 -0.17
N MET C 48 16.94 4.77 -0.29
CA MET C 48 17.33 3.39 -0.57
C MET C 48 17.26 3.05 -2.06
N GLY C 49 16.21 3.48 -2.74
CA GLY C 49 16.09 3.16 -4.15
C GLY C 49 14.79 3.68 -4.71
N GLY C 50 14.54 3.33 -5.97
CA GLY C 50 13.32 3.71 -6.63
C GLY C 50 13.13 2.91 -7.90
N ILE C 51 11.88 2.86 -8.35
CA ILE C 51 11.50 2.10 -9.54
C ILE C 51 10.79 3.04 -10.51
N ILE C 52 11.12 2.91 -11.79
CA ILE C 52 10.54 3.72 -12.85
C ILE C 52 9.80 2.79 -13.80
N PRO C 53 8.49 2.61 -13.61
CA PRO C 53 7.76 1.59 -14.38
C PRO C 53 7.83 1.75 -15.90
N ILE C 54 7.89 2.98 -16.42
CA ILE C 54 7.85 3.14 -17.87
C ILE C 54 9.11 2.56 -18.52
N VAL C 55 10.23 2.52 -17.79
CA VAL C 55 11.45 1.90 -18.31
C VAL C 55 11.69 0.51 -17.72
N GLY C 56 10.90 0.10 -16.74
CA GLY C 56 10.97 -1.26 -16.23
C GLY C 56 12.21 -1.59 -15.44
N THR C 57 12.91 -0.59 -14.92
CA THR C 57 14.13 -0.81 -14.14
C THR C 57 13.94 -0.25 -12.74
N ALA C 58 14.88 -0.60 -11.86
CA ALA C 58 14.93 -0.07 -10.51
C ALA C 58 16.35 0.36 -10.19
N ASN C 59 16.51 1.58 -9.72
CA ASN C 59 17.80 2.10 -9.27
C ASN C 59 17.88 2.01 -7.75
N TYR C 60 19.08 1.74 -7.25
CA TYR C 60 19.30 1.58 -5.82
C TYR C 60 20.53 2.33 -5.39
N ALA C 61 20.54 2.76 -4.12
CA ALA C 61 21.75 3.27 -3.52
C ALA C 61 22.78 2.16 -3.38
N GLN C 62 24.06 2.53 -3.49
CA GLN C 62 25.12 1.53 -3.52
C GLN C 62 25.18 0.73 -2.23
N LYS C 63 24.94 1.38 -1.09
CA LYS C 63 25.01 0.70 0.19
C LYS C 63 23.94 -0.37 0.36
N PHE C 64 22.91 -0.38 -0.48
CA PHE C 64 21.87 -1.40 -0.44
C PHE C 64 21.85 -2.30 -1.66
N GLN C 65 22.72 -2.05 -2.64
CA GLN C 65 22.70 -2.83 -3.88
C GLN C 65 23.00 -4.29 -3.59
N GLY C 66 22.24 -5.18 -4.23
CA GLY C 66 22.37 -6.60 -4.02
C GLY C 66 21.66 -7.12 -2.79
N ARG C 67 21.03 -6.24 -2.01
CA ARG C 67 20.34 -6.63 -0.79
C ARG C 67 18.87 -6.22 -0.74
N VAL C 68 18.45 -5.25 -1.56
CA VAL C 68 17.08 -4.77 -1.57
C VAL C 68 16.54 -4.87 -2.99
N THR C 69 15.27 -5.25 -3.10
CA THR C 69 14.56 -5.29 -4.38
C THR C 69 13.28 -4.49 -4.24
N ILE C 70 13.06 -3.56 -5.16
CA ILE C 70 11.84 -2.77 -5.23
C ILE C 70 11.06 -3.22 -6.46
N THR C 71 9.88 -3.78 -6.23
CA THR C 71 9.10 -4.40 -7.29
C THR C 71 7.69 -3.83 -7.32
N ALA C 72 7.04 -3.99 -8.47
CA ALA C 72 5.65 -3.61 -8.65
C ALA C 72 4.96 -4.67 -9.49
N ASP C 73 3.71 -4.99 -9.15
CA ASP C 73 2.97 -6.05 -9.83
C ASP C 73 2.39 -5.47 -11.12
N GLY C 74 3.10 -5.67 -12.22
CA GLY C 74 2.62 -5.20 -13.51
C GLY C 74 2.49 -3.70 -13.53
N LEU C 75 1.29 -3.22 -13.84
CA LEU C 75 0.98 -1.79 -13.84
C LEU C 75 0.12 -1.38 -12.65
N THR C 76 0.01 -2.23 -11.63
CA THR C 76 -0.75 -1.86 -10.44
C THR C 76 0.04 -0.86 -9.60
N SER C 77 -0.70 -0.09 -8.80
CA SER C 77 -0.08 0.97 -8.01
C SER C 77 0.71 0.43 -6.82
N THR C 78 0.46 -0.81 -6.41
CA THR C 78 1.17 -1.36 -5.26
C THR C 78 2.63 -1.57 -5.59
N VAL C 79 3.51 -1.09 -4.71
CA VAL C 79 4.96 -1.22 -4.87
C VAL C 79 5.49 -1.92 -3.63
N TYR C 80 6.32 -2.94 -3.85
CA TYR C 80 6.88 -3.75 -2.77
C TYR C 80 8.37 -3.47 -2.62
N MET C 81 8.81 -3.31 -1.37
CA MET C 81 10.23 -3.19 -1.03
C MET C 81 10.61 -4.39 -0.17
N GLU C 82 11.64 -5.12 -0.61
CA GLU C 82 12.08 -6.32 0.08
C GLU C 82 13.54 -6.16 0.48
N LEU C 83 13.82 -6.30 1.77
CA LEU C 83 15.18 -6.22 2.30
C LEU C 83 15.58 -7.57 2.86
N SER C 84 16.79 -8.02 2.52
CA SER C 84 17.30 -9.31 2.95
C SER C 84 18.47 -9.12 3.91
N ARG C 85 18.72 -10.17 4.72
CA ARG C 85 19.83 -10.21 5.65
C ARG C 85 19.82 -9.01 6.60
N LEU C 86 18.75 -8.90 7.38
CA LEU C 86 18.58 -7.78 8.29
C LEU C 86 19.64 -7.82 9.39
N ARG C 87 19.95 -6.63 9.92
CA ARG C 87 20.83 -6.49 11.07
C ARG C 87 20.21 -5.46 12.01
N SER C 88 20.83 -5.29 13.17
CA SER C 88 20.34 -4.33 14.14
C SER C 88 20.36 -2.90 13.59
N GLU C 89 21.31 -2.61 12.70
CA GLU C 89 21.40 -1.29 12.09
C GLU C 89 20.31 -1.05 11.05
N ASP C 90 19.56 -2.09 10.66
CA ASP C 90 18.44 -1.94 9.74
C ASP C 90 17.15 -1.56 10.44
N THR C 91 17.13 -1.53 11.77
CA THR C 91 15.95 -1.12 12.52
C THR C 91 15.68 0.35 12.27
N ALA C 92 14.58 0.65 11.59
CA ALA C 92 14.26 2.02 11.20
C ALA C 92 12.80 2.09 10.79
N VAL C 93 12.34 3.31 10.51
CA VAL C 93 11.04 3.54 9.91
C VAL C 93 11.24 3.68 8.40
N TYR C 94 10.46 2.93 7.64
CA TYR C 94 10.60 2.88 6.17
C TYR C 94 9.39 3.55 5.53
N PHE C 95 9.65 4.51 4.65
CA PHE C 95 8.62 5.26 3.96
C PHE C 95 8.62 4.95 2.48
N CYS C 96 7.43 4.91 1.88
CA CYS C 96 7.27 4.88 0.42
C CYS C 96 6.72 6.23 -0.02
N ALA C 97 7.11 6.64 -1.23
CA ALA C 97 6.69 7.96 -1.71
C ALA C 97 6.51 7.93 -3.21
N ARG C 98 5.33 8.38 -3.66
CA ARG C 98 5.07 8.53 -5.09
C ARG C 98 5.76 9.80 -5.59
N GLU C 99 6.45 9.68 -6.71
CA GLU C 99 7.23 10.80 -7.25
C GLU C 99 6.35 11.61 -8.23
N ALA C 100 5.34 12.25 -7.65
CA ALA C 100 4.40 13.05 -8.42
C ALA C 100 4.11 14.34 -7.68
N THR C 101 3.74 15.37 -8.44
CA THR C 101 3.30 16.65 -7.87
C THR C 101 1.98 17.05 -8.52
N TRP C 102 1.55 18.30 -8.30
CA TRP C 102 0.39 18.78 -9.04
C TRP C 102 0.69 18.97 -10.53
N LYS C 103 1.96 18.91 -10.91
CA LYS C 103 2.38 19.03 -12.31
C LYS C 103 2.36 17.70 -13.04
N GLY C 104 1.90 16.64 -12.38
CA GLY C 104 2.01 15.30 -12.93
C GLY C 104 3.16 14.55 -12.29
N SER C 105 3.64 13.55 -13.02
CA SER C 105 4.77 12.78 -12.54
C SER C 105 6.00 13.67 -12.44
N SER C 106 6.70 13.57 -11.32
CA SER C 106 7.92 14.36 -11.07
C SER C 106 8.96 13.40 -10.52
N ILE C 107 9.85 12.96 -11.41
CA ILE C 107 10.68 11.78 -11.18
C ILE C 107 11.58 11.91 -9.95
N GLY C 108 11.90 13.13 -9.54
CA GLY C 108 12.90 13.27 -8.48
C GLY C 108 12.41 13.80 -7.15
N VAL C 109 11.13 14.13 -7.02
CA VAL C 109 10.61 14.76 -5.81
C VAL C 109 9.45 13.92 -5.27
N LEU C 110 9.45 13.73 -3.96
CA LEU C 110 8.51 12.83 -3.29
C LEU C 110 7.32 13.65 -2.83
N GLY C 111 6.32 13.77 -3.71
CA GLY C 111 5.20 14.64 -3.42
C GLY C 111 4.26 14.09 -2.35
N ILE C 112 3.95 12.80 -2.41
CA ILE C 112 3.01 12.16 -1.50
C ILE C 112 3.71 11.00 -0.81
N TRP C 113 3.64 10.97 0.52
CA TRP C 113 4.34 9.99 1.32
C TRP C 113 3.37 9.03 1.98
N GLY C 114 3.85 7.83 2.28
CA GLY C 114 3.12 6.87 3.08
C GLY C 114 3.26 7.15 4.56
N GLN C 115 2.56 6.33 5.36
CA GLN C 115 2.55 6.52 6.80
C GLN C 115 3.79 5.98 7.49
N GLY C 116 4.61 5.20 6.80
CA GLY C 116 5.79 4.61 7.40
C GLY C 116 5.54 3.19 7.87
N THR C 117 6.63 2.43 7.96
CA THR C 117 6.57 1.04 8.41
C THR C 117 7.75 0.78 9.33
N MET C 118 7.48 0.66 10.62
CA MET C 118 8.52 0.39 11.60
C MET C 118 8.96 -1.08 11.51
N VAL C 119 10.26 -1.29 11.31
CA VAL C 119 10.84 -2.62 11.27
C VAL C 119 11.94 -2.68 12.32
N THR C 120 11.80 -3.59 13.27
CA THR C 120 12.76 -3.77 14.34
C THR C 120 13.40 -5.14 14.22
N VAL C 121 14.73 -5.18 14.20
CA VAL C 121 15.49 -6.42 14.08
C VAL C 121 16.11 -6.71 15.44
N SER C 122 15.78 -7.87 16.00
CA SER C 122 16.26 -8.24 17.32
C SER C 122 16.22 -9.75 17.46
N ALA C 123 17.21 -10.31 18.15
CA ALA C 123 17.28 -11.74 18.44
C ALA C 123 17.45 -12.00 19.92
N SER C 124 17.17 -11.01 20.77
CA SER C 124 17.32 -11.16 22.21
C SER C 124 16.46 -10.12 22.90
N THR C 125 15.68 -10.55 23.89
CA THR C 125 14.76 -9.68 24.63
C THR C 125 15.15 -9.73 26.11
N LYS C 126 15.92 -8.75 26.55
CA LYS C 126 16.39 -8.68 27.93
C LYS C 126 15.49 -7.75 28.74
N GLY C 127 15.02 -8.23 29.89
CA GLY C 127 14.10 -7.49 30.72
C GLY C 127 14.75 -6.43 31.58
N PRO C 128 14.12 -5.27 31.67
CA PRO C 128 14.72 -4.15 32.41
C PRO C 128 14.58 -4.28 33.91
N SER C 129 15.42 -3.51 34.61
CA SER C 129 15.38 -3.38 36.06
C SER C 129 15.15 -1.92 36.40
N VAL C 130 14.09 -1.65 37.15
CA VAL C 130 13.66 -0.28 37.45
C VAL C 130 14.05 0.04 38.88
N PHE C 131 14.88 1.08 39.04
CA PHE C 131 15.48 1.38 40.33
C PHE C 131 15.06 2.77 40.80
N PRO C 132 14.70 2.92 42.07
CA PRO C 132 14.11 4.18 42.53
C PRO C 132 15.12 5.31 42.60
N LEU C 133 14.62 6.53 42.44
CA LEU C 133 15.40 7.74 42.63
C LEU C 133 14.73 8.51 43.77
N ALA C 134 15.25 8.34 44.98
CA ALA C 134 14.57 8.83 46.18
C ALA C 134 14.63 10.34 46.27
N PRO C 135 13.51 11.03 46.51
CA PRO C 135 13.53 12.49 46.63
C PRO C 135 14.13 12.98 47.93
N SER C 136 15.46 13.02 48.00
CA SER C 136 16.13 13.49 49.20
C SER C 136 15.97 15.00 49.34
N SER C 137 16.31 15.50 50.54
CA SER C 137 16.27 16.94 50.77
C SER C 137 17.27 17.67 49.87
N LYS C 138 18.37 17.00 49.51
CA LYS C 138 19.28 17.56 48.52
C LYS C 138 18.64 17.70 47.15
N SER C 139 17.62 16.87 46.87
CA SER C 139 16.84 16.97 45.65
C SER C 139 15.59 17.82 45.83
N THR C 140 15.58 18.71 46.83
CA THR C 140 14.48 19.64 47.07
C THR C 140 15.02 21.05 46.92
N SER C 141 14.40 21.84 46.05
CA SER C 141 14.84 23.21 45.82
C SER C 141 13.67 24.03 45.31
N GLY C 142 13.51 25.24 45.84
CA GLY C 142 12.44 26.11 45.43
C GLY C 142 11.06 25.66 45.83
N GLY C 143 10.94 24.87 46.90
CA GLY C 143 9.67 24.36 47.34
C GLY C 143 9.19 23.11 46.63
N THR C 144 9.96 22.61 45.67
CA THR C 144 9.60 21.41 44.92
C THR C 144 10.72 20.38 45.07
N ALA C 145 10.33 19.10 45.08
CA ALA C 145 11.27 17.99 45.17
C ALA C 145 11.16 17.15 43.91
N ALA C 146 12.30 16.83 43.31
CA ALA C 146 12.35 15.97 42.14
C ALA C 146 12.60 14.53 42.54
N LEU C 147 12.03 13.61 41.77
CA LEU C 147 12.18 12.18 41.99
C LEU C 147 11.88 11.47 40.70
N GLY C 148 12.34 10.24 40.59
CA GLY C 148 12.11 9.50 39.37
C GLY C 148 12.41 8.03 39.53
N CYS C 149 12.60 7.37 38.38
CA CYS C 149 13.01 5.98 38.32
C CYS C 149 14.07 5.81 37.24
N LEU C 150 14.88 4.76 37.39
CA LEU C 150 15.97 4.47 36.47
C LEU C 150 15.70 3.14 35.78
N VAL C 151 15.51 3.17 34.47
CA VAL C 151 15.32 1.96 33.67
C VAL C 151 16.68 1.50 33.16
N LYS C 152 17.01 0.23 33.42
CA LYS C 152 18.34 -0.29 33.14
C LYS C 152 18.22 -1.74 32.65
N ASP C 153 19.18 -2.15 31.82
CA ASP C 153 19.30 -3.53 31.34
C ASP C 153 18.10 -3.95 30.51
N TYR C 154 17.86 -3.22 29.41
CA TYR C 154 16.80 -3.63 28.49
C TYR C 154 17.25 -3.49 27.05
N PHE C 155 16.83 -4.47 26.24
CA PHE C 155 17.07 -4.58 24.81
C PHE C 155 15.95 -5.47 24.25
N PRO C 156 15.17 -5.00 23.26
CA PRO C 156 15.20 -3.70 22.57
C PRO C 156 14.13 -2.68 22.99
N GLU C 157 14.10 -1.58 22.26
CA GLU C 157 13.10 -0.54 22.44
C GLU C 157 11.74 -1.03 21.94
N PRO C 158 10.64 -0.38 22.37
CA PRO C 158 10.62 0.74 23.33
C PRO C 158 10.16 0.33 24.72
N VAL C 159 10.43 1.18 25.70
CA VAL C 159 9.87 1.06 27.04
C VAL C 159 9.06 2.32 27.31
N THR C 160 7.85 2.15 27.82
CA THR C 160 6.96 3.25 28.12
C THR C 160 6.85 3.39 29.63
N VAL C 161 7.09 4.61 30.12
CA VAL C 161 7.05 4.91 31.54
C VAL C 161 5.90 5.88 31.79
N SER C 162 5.07 5.53 32.77
CA SER C 162 3.95 6.38 33.18
C SER C 162 3.99 6.55 34.69
N TRP C 163 3.40 7.63 35.17
CA TRP C 163 3.42 7.96 36.58
C TRP C 163 2.01 7.97 37.14
N ASN C 164 1.85 7.40 38.33
CA ASN C 164 0.55 7.26 39.00
C ASN C 164 -0.47 6.60 38.10
N SER C 165 -0.01 5.57 37.37
CA SER C 165 -0.86 4.86 36.40
C SER C 165 -1.47 5.83 35.39
N GLY C 166 -0.68 6.80 34.96
CA GLY C 166 -1.14 7.82 34.03
C GLY C 166 -1.77 9.03 34.66
N ALA C 167 -1.95 9.06 35.99
CA ALA C 167 -2.57 10.20 36.62
C ALA C 167 -1.62 11.40 36.64
N LEU C 168 -0.35 11.18 36.97
CA LEU C 168 0.64 12.25 37.02
C LEU C 168 1.25 12.43 35.63
N THR C 169 0.93 13.55 34.99
CA THR C 169 1.50 13.88 33.70
C THR C 169 2.22 15.22 33.68
N SER C 170 2.03 16.06 34.69
CA SER C 170 2.68 17.36 34.77
C SER C 170 4.05 17.19 35.42
N GLY C 171 5.09 17.67 34.74
CA GLY C 171 6.44 17.55 35.23
C GLY C 171 7.10 16.21 34.96
N VAL C 172 6.39 15.27 34.33
CA VAL C 172 6.97 13.98 34.01
C VAL C 172 7.92 14.16 32.84
N HIS C 173 9.18 13.83 33.05
CA HIS C 173 10.22 13.97 32.02
C HIS C 173 10.82 12.60 31.75
N THR C 174 10.53 12.07 30.55
CA THR C 174 11.04 10.78 30.11
C THR C 174 12.21 11.04 29.17
N PHE C 175 13.42 10.86 29.67
CA PHE C 175 14.60 11.10 28.86
C PHE C 175 14.76 10.00 27.82
N PRO C 176 15.17 10.33 26.59
CA PRO C 176 15.35 9.31 25.57
C PRO C 176 16.43 8.31 25.95
N ALA C 177 16.29 7.10 25.44
CA ALA C 177 17.21 6.02 25.77
C ALA C 177 18.61 6.28 25.23
N VAL C 178 19.60 5.67 25.87
CA VAL C 178 20.99 5.76 25.44
C VAL C 178 21.47 4.35 25.11
N LEU C 179 22.56 4.28 24.34
CA LEU C 179 23.22 3.03 24.01
C LEU C 179 24.54 2.97 24.78
N GLN C 180 24.62 2.06 25.75
CA GLN C 180 25.82 1.97 26.55
C GLN C 180 26.89 1.13 25.84
N SER C 181 28.09 1.14 26.40
CA SER C 181 29.19 0.38 25.81
C SER C 181 28.92 -1.11 25.84
N SER C 182 28.12 -1.58 26.78
CA SER C 182 27.78 -2.99 26.89
C SER C 182 26.76 -3.44 25.85
N GLY C 183 26.13 -2.53 25.12
CA GLY C 183 25.22 -2.88 24.06
C GLY C 183 23.75 -2.94 24.42
N LEU C 184 23.35 -2.37 25.54
CA LEU C 184 21.96 -2.37 25.99
C LEU C 184 21.46 -0.92 26.04
N TYR C 185 20.25 -0.74 26.54
CA TYR C 185 19.66 0.59 26.62
C TYR C 185 19.27 0.93 28.05
N SER C 186 19.23 2.23 28.33
CA SER C 186 18.87 2.71 29.66
C SER C 186 18.36 4.14 29.57
N LEU C 187 17.26 4.42 30.25
CA LEU C 187 16.72 5.77 30.34
C LEU C 187 16.23 6.02 31.75
N SER C 188 16.06 7.30 32.08
CA SER C 188 15.58 7.72 33.39
C SER C 188 14.33 8.58 33.20
N SER C 189 13.28 8.26 33.94
CA SER C 189 12.06 9.04 33.96
C SER C 189 11.97 9.77 35.29
N VAL C 190 11.86 11.10 35.24
CA VAL C 190 11.87 11.92 36.43
C VAL C 190 10.66 12.85 36.40
N VAL C 191 10.12 13.12 37.59
CA VAL C 191 9.02 14.06 37.76
C VAL C 191 9.39 15.01 38.89
N THR C 192 8.81 16.21 38.84
CA THR C 192 8.96 17.19 39.90
C THR C 192 7.63 17.34 40.62
N VAL C 193 7.66 17.25 41.95
CA VAL C 193 6.45 17.26 42.76
C VAL C 193 6.61 18.29 43.88
N PRO C 194 5.51 18.84 44.41
CA PRO C 194 5.63 19.77 45.53
C PRO C 194 6.21 19.09 46.77
N SER C 195 6.92 19.88 47.58
CA SER C 195 7.57 19.33 48.76
C SER C 195 6.56 18.85 49.80
N SER C 196 5.41 19.51 49.90
CA SER C 196 4.39 19.10 50.86
C SER C 196 3.47 18.03 50.26
N SER C 197 4.07 17.01 49.66
CA SER C 197 3.33 15.85 49.19
C SER C 197 4.10 14.54 49.38
N LEU C 198 5.28 14.56 50.02
CA LEU C 198 6.08 13.36 50.14
C LEU C 198 5.42 12.32 51.05
N GLY C 199 4.61 12.78 52.00
CA GLY C 199 3.98 11.86 52.94
C GLY C 199 2.58 11.46 52.55
N THR C 200 1.82 12.38 51.97
CA THR C 200 0.42 12.11 51.62
C THR C 200 0.32 11.26 50.37
N GLN C 201 0.89 11.72 49.27
CA GLN C 201 0.79 11.04 47.98
C GLN C 201 1.99 10.15 47.75
N THR C 202 1.75 8.88 47.45
CA THR C 202 2.81 7.94 47.11
C THR C 202 2.99 7.92 45.60
N TYR C 203 4.25 7.87 45.17
CA TYR C 203 4.60 7.97 43.76
C TYR C 203 5.16 6.64 43.27
N ILE C 204 4.64 6.15 42.15
CA ILE C 204 5.13 4.93 41.52
C ILE C 204 5.46 5.25 40.06
N CYS C 205 6.27 4.38 39.46
CA CYS C 205 6.60 4.48 38.04
C CYS C 205 6.19 3.19 37.37
N ASN C 206 5.24 3.28 36.44
CA ASN C 206 4.75 2.14 35.69
C ASN C 206 5.59 2.00 34.43
N VAL C 207 6.44 0.97 34.38
CA VAL C 207 7.38 0.77 33.30
C VAL C 207 7.01 -0.51 32.56
N ASN C 208 6.94 -0.43 31.24
CA ASN C 208 6.55 -1.55 30.39
C ASN C 208 7.68 -1.85 29.42
N HIS C 209 7.91 -3.14 29.18
CA HIS C 209 8.85 -3.62 28.15
C HIS C 209 8.22 -4.84 27.51
N LYS C 210 7.51 -4.61 26.40
CA LYS C 210 6.78 -5.69 25.75
C LYS C 210 7.69 -6.83 25.27
N PRO C 211 8.80 -6.57 24.54
CA PRO C 211 9.58 -7.71 24.01
C PRO C 211 10.00 -8.73 25.06
N SER C 212 10.36 -8.29 26.26
CA SER C 212 10.74 -9.21 27.33
C SER C 212 9.58 -9.55 28.26
N ASN C 213 8.40 -8.96 28.03
CA ASN C 213 7.22 -9.20 28.87
C ASN C 213 7.52 -8.92 30.34
N THR C 214 8.12 -7.75 30.60
CA THR C 214 8.46 -7.32 31.95
C THR C 214 7.64 -6.09 32.30
N LYS C 215 6.72 -6.23 33.23
CA LYS C 215 5.93 -5.12 33.76
C LYS C 215 6.28 -4.95 35.23
N VAL C 216 6.80 -3.78 35.58
CA VAL C 216 7.29 -3.51 36.93
C VAL C 216 6.75 -2.18 37.40
N ASP C 217 6.51 -2.08 38.71
CA ASP C 217 6.03 -0.85 39.34
C ASP C 217 6.85 -0.61 40.59
N LYS C 218 7.75 0.36 40.52
CA LYS C 218 8.66 0.68 41.63
C LYS C 218 8.18 1.93 42.35
N ARG C 219 8.11 1.85 43.68
CA ARG C 219 7.72 2.97 44.52
C ARG C 219 8.94 3.79 44.91
N VAL C 220 8.78 5.11 44.94
CA VAL C 220 9.83 5.97 45.47
C VAL C 220 9.70 6.05 46.99
N GLU C 221 10.83 6.26 47.67
CA GLU C 221 10.89 6.21 49.13
C GLU C 221 11.29 7.58 49.66
N PRO C 222 10.32 8.45 49.98
CA PRO C 222 10.67 9.73 50.59
C PRO C 222 11.28 9.56 51.97
N LYS C 223 10.52 8.91 52.86
CA LYS C 223 10.90 8.56 54.24
C LYS C 223 11.98 9.46 54.83
N SER C 224 13.17 8.93 55.04
CA SER C 224 14.28 9.69 55.61
C SER C 224 15.59 9.02 55.19
N CYS C 225 16.70 9.48 55.77
CA CYS C 225 18.01 8.93 55.46
C CYS C 225 18.45 7.93 56.53
N ASP D 1 28.66 11.05 -6.71
CA ASP D 1 27.73 11.28 -5.62
C ASP D 1 27.77 12.73 -5.18
N ILE D 2 26.61 13.27 -4.80
CA ILE D 2 26.48 14.65 -4.35
C ILE D 2 26.09 14.64 -2.89
N GLN D 3 26.79 15.43 -2.08
CA GLN D 3 26.53 15.55 -0.65
C GLN D 3 25.88 16.90 -0.38
N MET D 4 24.82 16.89 0.42
CA MET D 4 24.09 18.10 0.78
C MET D 4 24.31 18.40 2.25
N THR D 5 24.74 19.62 2.54
CA THR D 5 25.09 20.04 3.89
C THR D 5 24.21 21.22 4.27
N GLN D 6 23.33 21.03 5.25
CA GLN D 6 22.47 22.09 5.74
C GLN D 6 23.15 22.87 6.84
N SER D 7 22.70 24.10 7.03
CA SER D 7 23.26 24.97 8.06
C SER D 7 22.26 26.08 8.40
N PRO D 8 21.99 26.32 9.69
CA PRO D 8 22.57 25.58 10.82
C PRO D 8 21.89 24.23 11.04
N SER D 9 22.55 23.33 11.76
CA SER D 9 21.92 22.07 12.12
C SER D 9 20.70 22.27 13.02
N SER D 10 20.67 23.39 13.76
CA SER D 10 19.54 23.73 14.60
C SER D 10 19.55 25.23 14.82
N LEU D 11 18.35 25.82 14.91
CA LEU D 11 18.23 27.24 15.15
C LEU D 11 17.00 27.50 16.02
N SER D 12 17.03 28.63 16.71
CA SER D 12 15.92 29.06 17.55
C SER D 12 15.37 30.38 17.02
N ALA D 13 14.04 30.50 16.99
CA ALA D 13 13.41 31.71 16.50
C ALA D 13 12.06 31.89 17.17
N SER D 14 11.60 33.13 17.22
CA SER D 14 10.32 33.48 17.82
C SER D 14 9.20 33.23 16.82
N VAL D 15 8.01 33.75 17.12
CA VAL D 15 6.86 33.62 16.24
C VAL D 15 6.71 34.91 15.45
N GLY D 16 6.71 34.80 14.12
CA GLY D 16 6.53 35.93 13.25
C GLY D 16 7.80 36.49 12.63
N ASP D 17 8.96 36.16 13.19
CA ASP D 17 10.22 36.63 12.64
C ASP D 17 10.61 35.81 11.42
N ARG D 18 11.42 36.44 10.55
CA ARG D 18 11.87 35.76 9.34
C ARG D 18 12.89 34.67 9.69
N VAL D 19 12.71 33.50 9.11
CA VAL D 19 13.59 32.35 9.32
C VAL D 19 14.30 32.05 8.01
N THR D 20 15.62 31.88 8.07
CA THR D 20 16.45 31.69 6.90
C THR D 20 17.31 30.45 7.10
N ILE D 21 17.00 29.39 6.37
CA ILE D 21 17.73 28.13 6.42
C ILE D 21 18.42 27.94 5.07
N THR D 22 19.69 27.56 5.10
CA THR D 22 20.48 27.38 3.89
C THR D 22 20.74 25.90 3.63
N CYS D 23 21.16 25.61 2.39
CA CYS D 23 21.46 24.26 1.97
C CYS D 23 22.45 24.32 0.82
N ARG D 24 23.55 23.60 0.93
CA ARG D 24 24.63 23.65 -0.05
C ARG D 24 24.95 22.26 -0.58
N ALA D 25 25.23 22.17 -1.87
CA ALA D 25 25.54 20.93 -2.55
C ALA D 25 27.01 20.89 -2.95
N SER D 26 27.51 19.66 -3.14
CA SER D 26 28.90 19.48 -3.52
C SER D 26 29.20 20.08 -4.89
N GLN D 27 28.31 19.86 -5.86
CA GLN D 27 28.49 20.37 -7.21
C GLN D 27 27.23 21.12 -7.63
N SER D 28 27.32 21.79 -8.77
CA SER D 28 26.18 22.54 -9.29
C SER D 28 25.06 21.59 -9.69
N ILE D 29 23.83 21.91 -9.27
CA ILE D 29 22.69 21.05 -9.55
C ILE D 29 21.54 21.86 -10.12
N SER D 30 21.83 23.05 -10.64
CA SER D 30 20.84 23.95 -11.26
C SER D 30 19.74 24.19 -10.22
N ASP D 31 18.46 23.95 -10.55
CA ASP D 31 17.36 24.13 -9.60
C ASP D 31 16.69 22.80 -9.26
N TYR D 32 17.42 21.70 -9.35
CA TYR D 32 16.87 20.38 -9.03
C TYR D 32 17.03 20.10 -7.54
N LEU D 33 16.30 20.87 -6.74
CA LEU D 33 16.33 20.74 -5.29
C LEU D 33 14.91 20.82 -4.74
N ASN D 34 14.66 20.05 -3.68
CA ASN D 34 13.36 20.02 -3.03
C ASN D 34 13.53 20.28 -1.54
N TRP D 35 12.42 20.65 -0.89
CA TRP D 35 12.39 20.90 0.54
C TRP D 35 11.28 20.07 1.19
N TYR D 36 11.53 19.64 2.43
CA TYR D 36 10.58 18.82 3.16
C TYR D 36 10.46 19.30 4.59
N GLN D 37 9.34 18.97 5.22
CA GLN D 37 9.10 19.23 6.63
C GLN D 37 8.65 17.94 7.31
N GLN D 38 9.23 17.63 8.47
CA GLN D 38 8.94 16.38 9.18
C GLN D 38 8.69 16.66 10.66
N LYS D 39 7.41 16.65 11.05
CA LYS D 39 7.06 16.73 12.46
C LYS D 39 7.41 15.40 13.15
N PRO D 40 7.65 15.43 14.46
CA PRO D 40 8.01 14.20 15.16
C PRO D 40 6.93 13.13 15.04
N GLY D 41 7.36 11.88 14.86
CA GLY D 41 6.45 10.77 14.69
C GLY D 41 5.62 10.80 13.43
N LYS D 42 5.76 11.83 12.60
CA LYS D 42 4.96 12.01 11.40
C LYS D 42 5.85 11.92 10.17
N ALA D 43 5.30 11.39 9.08
CA ALA D 43 6.04 11.27 7.84
C ALA D 43 6.33 12.66 7.27
N PRO D 44 7.46 12.83 6.58
CA PRO D 44 7.78 14.13 6.00
C PRO D 44 6.83 14.50 4.88
N SER D 45 6.66 15.81 4.69
CA SER D 45 5.77 16.34 3.67
C SER D 45 6.54 17.31 2.79
N LEU D 46 6.25 17.29 1.50
CA LEU D 46 6.92 18.16 0.55
C LEU D 46 6.40 19.59 0.65
N LEU D 47 7.33 20.55 0.55
CA LEU D 47 7.00 21.97 0.57
C LEU D 47 7.35 22.66 -0.73
N ILE D 48 8.58 22.49 -1.22
CA ILE D 48 9.07 23.17 -2.40
C ILE D 48 9.77 22.16 -3.30
N PHE D 49 9.52 22.25 -4.60
CA PHE D 49 10.30 21.50 -5.59
C PHE D 49 10.75 22.46 -6.69
N SER D 50 11.70 22.00 -7.50
CA SER D 50 12.40 22.83 -8.48
C SER D 50 13.03 24.06 -7.85
N ALA D 51 13.22 24.01 -6.52
CA ALA D 51 13.91 25.00 -5.71
C ALA D 51 13.12 26.30 -5.56
N SER D 52 12.07 26.46 -6.35
CA SER D 52 11.18 27.61 -6.21
C SER D 52 9.71 27.23 -6.19
N THR D 53 9.32 26.24 -6.99
CA THR D 53 7.90 25.92 -7.14
C THR D 53 7.35 25.33 -5.87
N LEU D 54 6.14 25.75 -5.52
CA LEU D 54 5.51 25.45 -4.24
C LEU D 54 4.49 24.34 -4.41
N GLN D 55 4.63 23.27 -3.64
CA GLN D 55 3.69 22.15 -3.74
C GLN D 55 2.31 22.57 -3.27
N SER D 56 1.29 22.09 -3.97
CA SER D 56 -0.09 22.42 -3.62
C SER D 56 -0.41 21.92 -2.21
N GLY D 57 -1.02 22.81 -1.41
CA GLY D 57 -1.48 22.45 -0.08
C GLY D 57 -0.66 22.98 1.07
N VAL D 58 0.40 23.74 0.81
CA VAL D 58 1.20 24.31 1.90
C VAL D 58 1.20 25.82 1.75
N PRO D 59 1.29 26.58 2.85
CA PRO D 59 0.99 28.02 2.78
C PRO D 59 2.07 28.82 2.04
N SER D 60 1.70 30.05 1.69
CA SER D 60 2.54 30.92 0.89
C SER D 60 3.72 31.50 1.66
N ARG D 61 3.72 31.40 2.99
CA ARG D 61 4.85 31.93 3.75
C ARG D 61 6.14 31.18 3.46
N PHE D 62 6.05 29.90 3.14
CA PHE D 62 7.22 29.15 2.69
C PHE D 62 7.63 29.61 1.30
N SER D 63 8.91 29.91 1.13
CA SER D 63 9.43 30.35 -0.15
C SER D 63 10.78 29.69 -0.40
N GLY D 64 11.06 29.42 -1.67
CA GLY D 64 12.32 28.81 -2.07
C GLY D 64 13.12 29.76 -2.94
N SER D 65 14.44 29.60 -2.90
CA SER D 65 15.34 30.45 -3.67
C SER D 65 16.65 29.72 -3.89
N GLY D 66 17.43 30.24 -4.83
CA GLY D 66 18.76 29.72 -5.08
C GLY D 66 18.83 28.91 -6.36
N SER D 67 19.97 29.01 -7.04
CA SER D 67 20.26 28.21 -8.22
C SER D 67 21.75 27.97 -8.28
N GLY D 68 22.15 26.73 -8.54
CA GLY D 68 23.56 26.37 -8.56
C GLY D 68 23.94 25.44 -7.43
N THR D 69 24.70 25.95 -6.45
CA THR D 69 25.18 25.14 -5.34
C THR D 69 24.55 25.50 -4.00
N ASP D 70 24.23 26.77 -3.79
CA ASP D 70 23.69 27.25 -2.51
C ASP D 70 22.22 27.58 -2.67
N PHE D 71 21.41 27.16 -1.69
CA PHE D 71 19.97 27.31 -1.74
C PHE D 71 19.46 27.80 -0.40
N THR D 72 18.27 28.39 -0.40
CA THR D 72 17.73 29.04 0.79
C THR D 72 16.23 28.80 0.87
N LEU D 73 15.79 28.15 1.96
CA LEU D 73 14.38 28.07 2.31
C LEU D 73 14.06 29.22 3.27
N THR D 74 13.21 30.14 2.83
CA THR D 74 12.91 31.35 3.60
C THR D 74 11.47 31.29 4.09
N ILE D 75 11.31 31.33 5.41
CA ILE D 75 10.01 31.45 6.04
C ILE D 75 9.84 32.92 6.43
N SER D 76 8.95 33.62 5.73
CA SER D 76 8.80 35.05 5.94
C SER D 76 8.32 35.36 7.35
N SER D 77 7.32 34.62 7.83
CA SER D 77 6.80 34.78 9.19
C SER D 77 6.67 33.40 9.81
N LEU D 78 7.10 33.28 11.07
CA LEU D 78 7.10 31.99 11.75
C LEU D 78 5.78 31.81 12.49
N GLN D 79 5.19 30.62 12.36
CA GLN D 79 3.95 30.25 13.02
C GLN D 79 4.14 28.95 13.78
N PRO D 80 3.33 28.72 14.82
CA PRO D 80 3.51 27.51 15.64
C PRO D 80 3.43 26.21 14.84
N GLU D 81 2.62 26.15 13.79
CA GLU D 81 2.53 24.92 13.00
C GLU D 81 3.86 24.57 12.35
N ASP D 82 4.67 25.57 12.02
CA ASP D 82 5.94 25.36 11.33
C ASP D 82 7.06 25.07 12.33
N PHE D 83 6.94 23.94 13.03
CA PHE D 83 7.95 23.53 13.99
C PHE D 83 8.25 22.06 13.79
N ALA D 84 9.35 21.80 13.07
CA ALA D 84 9.76 20.47 12.66
C ALA D 84 11.12 20.60 12.00
N THR D 85 11.81 19.48 11.88
CA THR D 85 13.06 19.47 11.15
C THR D 85 12.79 19.64 9.66
N TYR D 86 13.56 20.51 9.01
CA TYR D 86 13.43 20.78 7.59
C TYR D 86 14.63 20.21 6.84
N TYR D 87 14.36 19.43 5.80
CA TYR D 87 15.40 18.77 5.03
C TYR D 87 15.38 19.27 3.59
N CYS D 88 16.56 19.32 2.97
CA CYS D 88 16.69 19.62 1.55
C CYS D 88 17.25 18.39 0.83
N GLN D 89 16.74 18.14 -0.37
CA GLN D 89 17.11 16.97 -1.15
C GLN D 89 17.34 17.36 -2.60
N GLN D 90 18.34 16.75 -3.22
CA GLN D 90 18.64 16.98 -4.63
C GLN D 90 18.07 15.85 -5.48
N ASN D 91 17.60 16.20 -6.68
CA ASN D 91 17.15 15.21 -7.65
C ASN D 91 17.89 15.39 -8.97
N TYR D 92 19.16 15.82 -8.89
CA TYR D 92 19.98 16.03 -10.08
C TYR D 92 20.55 14.72 -10.62
N ASN D 93 20.97 13.81 -9.74
CA ASN D 93 21.38 12.48 -10.18
C ASN D 93 20.95 11.44 -9.14
N THR D 94 21.44 10.22 -9.33
CA THR D 94 21.22 9.07 -8.48
C THR D 94 22.56 8.57 -7.93
N PRO D 95 22.61 8.17 -6.65
CA PRO D 95 21.47 8.13 -5.72
C PRO D 95 21.07 9.51 -5.21
N ARG D 96 19.78 9.71 -4.97
CA ARG D 96 19.31 10.95 -4.38
C ARG D 96 19.80 11.04 -2.94
N THR D 97 20.14 12.25 -2.51
CA THR D 97 20.73 12.48 -1.20
C THR D 97 20.02 13.62 -0.50
N PHE D 98 19.83 13.48 0.81
CA PHE D 98 19.21 14.51 1.64
C PHE D 98 20.28 15.29 2.39
N GLY D 99 19.83 16.35 3.07
CA GLY D 99 20.66 17.02 4.05
C GLY D 99 20.54 16.38 5.42
N GLN D 100 21.43 16.79 6.32
CA GLN D 100 21.42 16.22 7.67
C GLN D 100 20.19 16.65 8.47
N GLY D 101 19.55 17.74 8.09
CA GLY D 101 18.36 18.21 8.77
C GLY D 101 18.63 19.49 9.53
N THR D 102 17.63 20.38 9.56
CA THR D 102 17.69 21.61 10.33
C THR D 102 16.44 21.73 11.17
N LYS D 103 16.62 21.75 12.50
CA LYS D 103 15.50 21.87 13.42
C LYS D 103 15.24 23.33 13.76
N VAL D 104 13.97 23.70 13.81
CA VAL D 104 13.54 25.06 14.12
C VAL D 104 12.78 25.02 15.44
N GLU D 105 13.11 25.93 16.35
CA GLU D 105 12.64 25.86 17.72
C GLU D 105 12.16 27.23 18.21
N ILE D 106 11.20 27.20 19.15
CA ILE D 106 10.70 28.42 19.75
C ILE D 106 11.80 29.10 20.55
N LYS D 107 11.88 30.43 20.41
CA LYS D 107 12.80 31.23 21.20
C LYS D 107 12.13 31.69 22.48
N ARG D 108 12.88 31.64 23.58
CA ARG D 108 12.37 32.00 24.89
C ARG D 108 13.45 32.71 25.69
N THR D 109 13.02 33.28 26.82
CA THR D 109 13.96 33.95 27.71
C THR D 109 14.90 32.95 28.36
N VAL D 110 16.10 33.41 28.70
CA VAL D 110 17.10 32.55 29.33
C VAL D 110 16.58 32.07 30.68
N ALA D 111 16.82 30.79 30.97
CA ALA D 111 16.41 30.19 32.22
C ALA D 111 17.58 29.42 32.83
N ALA D 112 17.79 29.60 34.13
CA ALA D 112 18.84 28.88 34.83
C ALA D 112 18.42 27.43 35.08
N PRO D 113 19.35 26.48 34.97
CA PRO D 113 19.00 25.08 35.25
C PRO D 113 18.90 24.80 36.74
N SER D 114 17.92 23.99 37.11
CA SER D 114 17.77 23.51 38.48
C SER D 114 18.48 22.17 38.58
N VAL D 115 19.54 22.11 39.37
CA VAL D 115 20.45 20.97 39.41
C VAL D 115 20.08 20.08 40.60
N PHE D 116 19.82 18.81 40.32
CA PHE D 116 19.46 17.83 41.33
C PHE D 116 20.38 16.63 41.19
N ILE D 117 21.03 16.24 42.29
CA ILE D 117 21.88 15.07 42.31
C ILE D 117 21.19 13.96 43.08
N PHE D 118 21.42 12.72 42.64
CA PHE D 118 20.72 11.56 43.20
C PHE D 118 21.73 10.46 43.53
N PRO D 119 21.85 10.05 44.79
CA PRO D 119 22.72 8.93 45.12
C PRO D 119 22.16 7.62 44.57
N PRO D 120 23.02 6.64 44.30
CA PRO D 120 22.51 5.35 43.82
C PRO D 120 21.67 4.64 44.87
N SER D 121 20.69 3.88 44.39
CA SER D 121 19.74 3.22 45.27
C SER D 121 20.39 2.04 46.00
N ASP D 122 19.79 1.67 47.12
CA ASP D 122 20.27 0.51 47.87
C ASP D 122 20.07 -0.78 47.10
N GLU D 123 18.94 -0.89 46.38
CA GLU D 123 18.72 -2.04 45.53
C GLU D 123 19.76 -2.11 44.42
N GLN D 124 20.29 -0.95 44.01
CA GLN D 124 21.34 -0.94 42.99
C GLN D 124 22.64 -1.49 43.52
N LEU D 125 23.02 -1.12 44.74
CA LEU D 125 24.30 -1.54 45.31
C LEU D 125 24.34 -3.04 45.64
N LYS D 126 23.21 -3.73 45.57
CA LYS D 126 23.16 -5.17 45.77
C LYS D 126 23.42 -5.95 44.50
N SER D 127 23.65 -5.28 43.37
CA SER D 127 23.92 -5.94 42.10
C SER D 127 25.38 -5.87 41.67
N GLY D 128 26.10 -4.81 42.06
CA GLY D 128 27.51 -4.69 41.71
C GLY D 128 27.87 -3.44 40.92
N THR D 129 26.91 -2.61 40.51
CA THR D 129 27.19 -1.40 39.76
C THR D 129 26.88 -0.17 40.62
N ALA D 130 27.03 1.01 40.01
CA ALA D 130 26.78 2.27 40.70
C ALA D 130 26.41 3.31 39.66
N SER D 131 25.21 3.90 39.79
CA SER D 131 24.78 4.97 38.90
C SER D 131 24.39 6.18 39.73
N VAL D 132 24.97 7.33 39.38
CA VAL D 132 24.66 8.60 40.03
C VAL D 132 24.10 9.53 38.97
N VAL D 133 22.95 10.13 39.26
CA VAL D 133 22.19 10.91 38.29
C VAL D 133 22.22 12.37 38.68
N CYS D 134 22.59 13.24 37.73
CA CYS D 134 22.52 14.68 37.89
C CYS D 134 21.47 15.21 36.93
N LEU D 135 20.46 15.88 37.48
CA LEU D 135 19.32 16.37 36.69
C LEU D 135 19.46 17.86 36.46
N LEU D 136 19.43 18.25 35.19
CA LEU D 136 19.29 19.65 34.79
C LEU D 136 17.87 19.81 34.24
N ASN D 137 17.04 20.55 34.96
CA ASN D 137 15.61 20.62 34.67
C ASN D 137 15.23 22.04 34.30
N ASN D 138 14.49 22.17 33.19
CA ASN D 138 13.83 23.42 32.79
C ASN D 138 14.84 24.56 32.64
N PHE D 139 15.71 24.40 31.64
CA PHE D 139 16.73 25.38 31.34
C PHE D 139 16.76 25.69 29.85
N TYR D 140 17.24 26.89 29.52
CA TYR D 140 17.35 27.38 28.15
C TYR D 140 18.52 28.34 28.13
N PRO D 141 19.38 28.30 27.10
CA PRO D 141 19.29 27.44 25.90
C PRO D 141 19.73 26.00 26.15
N ARG D 142 19.74 25.20 25.09
CA ARG D 142 20.09 23.78 25.22
C ARG D 142 21.55 23.60 25.62
N GLU D 143 22.44 24.42 25.07
CA GLU D 143 23.87 24.26 25.30
C GLU D 143 24.17 24.28 26.80
N ALA D 144 24.84 23.25 27.28
CA ALA D 144 25.16 23.12 28.69
C ALA D 144 26.38 22.21 28.83
N LYS D 145 27.10 22.39 29.93
CA LYS D 145 28.29 21.62 30.23
C LYS D 145 28.13 20.96 31.59
N VAL D 146 28.23 19.64 31.63
CA VAL D 146 28.14 18.86 32.85
C VAL D 146 29.46 18.13 33.06
N GLN D 147 30.07 18.32 34.23
CA GLN D 147 31.33 17.70 34.57
C GLN D 147 31.17 16.92 35.86
N TRP D 148 31.65 15.68 35.86
CA TRP D 148 31.60 14.82 37.03
C TRP D 148 32.96 14.84 37.72
N LYS D 149 32.95 15.12 39.02
CA LYS D 149 34.17 15.19 39.82
C LYS D 149 34.04 14.22 40.98
N VAL D 150 35.00 13.30 41.10
CA VAL D 150 35.03 12.35 42.22
C VAL D 150 36.29 12.65 43.03
N ASP D 151 36.10 12.86 44.34
CA ASP D 151 37.17 13.29 45.24
C ASP D 151 37.99 14.43 44.62
N ASN D 152 37.27 15.40 44.04
CA ASN D 152 37.89 16.56 43.37
C ASN D 152 38.85 16.12 42.27
N ALA D 153 38.46 15.10 41.51
CA ALA D 153 39.20 14.66 40.34
C ALA D 153 38.24 14.55 39.16
N LEU D 154 38.62 15.17 38.04
CA LEU D 154 37.76 15.16 36.86
C LEU D 154 37.57 13.75 36.33
N GLN D 155 36.37 13.45 35.87
CA GLN D 155 36.01 12.14 35.36
C GLN D 155 35.90 12.21 33.84
N SER D 156 36.51 11.24 33.16
CA SER D 156 36.53 11.19 31.70
C SER D 156 36.12 9.81 31.22
N GLY D 157 35.27 9.79 30.19
CA GLY D 157 34.88 8.54 29.55
C GLY D 157 34.10 7.59 30.43
N ASN D 158 33.22 8.13 31.29
CA ASN D 158 32.40 7.28 32.15
C ASN D 158 30.97 7.80 32.31
N SER D 159 30.53 8.75 31.49
CA SER D 159 29.20 9.33 31.64
C SER D 159 28.56 9.53 30.27
N GLN D 160 27.23 9.58 30.26
CA GLN D 160 26.45 9.80 29.06
C GLN D 160 25.34 10.79 29.37
N GLU D 161 24.82 11.43 28.33
CA GLU D 161 23.86 12.51 28.48
C GLU D 161 22.60 12.22 27.66
N SER D 162 21.47 12.75 28.14
CA SER D 162 20.18 12.60 27.47
C SER D 162 19.41 13.90 27.60
N VAL D 163 19.04 14.50 26.48
CA VAL D 163 18.31 15.76 26.46
C VAL D 163 16.87 15.49 26.05
N THR D 164 15.95 16.19 26.71
CA THR D 164 14.53 16.10 26.41
C THR D 164 14.14 17.24 25.48
N GLU D 165 13.22 16.97 24.55
CA GLU D 165 12.79 17.97 23.60
C GLU D 165 12.22 19.19 24.31
N GLN D 166 12.21 20.31 23.59
CA GLN D 166 11.68 21.55 24.15
C GLN D 166 10.21 21.38 24.55
N ASP D 167 9.94 21.51 25.85
CA ASP D 167 8.60 21.25 26.36
C ASP D 167 7.60 22.24 25.77
N SER D 168 6.38 21.76 25.53
CA SER D 168 5.44 22.49 24.69
C SER D 168 4.97 23.80 25.33
N LYS D 169 4.92 23.87 26.65
CA LYS D 169 4.36 25.06 27.32
C LYS D 169 5.42 25.96 27.91
N ASP D 170 6.38 25.41 28.66
CA ASP D 170 7.44 26.23 29.22
C ASP D 170 8.59 26.45 28.25
N SER D 171 8.69 25.62 27.20
CA SER D 171 9.67 25.79 26.12
C SER D 171 11.10 25.72 26.65
N THR D 172 11.32 24.84 27.62
CA THR D 172 12.62 24.63 28.21
C THR D 172 13.11 23.21 27.92
N TYR D 173 14.42 23.04 28.02
CA TYR D 173 15.06 21.74 27.84
C TYR D 173 15.26 21.07 29.20
N SER D 174 15.46 19.75 29.16
CA SER D 174 15.81 18.97 30.33
C SER D 174 16.94 18.03 29.97
N LEU D 175 17.98 18.01 30.80
CA LEU D 175 19.15 17.17 30.57
C LEU D 175 19.40 16.31 31.80
N SER D 176 19.76 15.05 31.55
CA SER D 176 20.11 14.11 32.60
C SER D 176 21.45 13.48 32.26
N SER D 177 22.40 13.58 33.20
CA SER D 177 23.72 12.98 33.05
C SER D 177 23.89 11.89 34.09
N THR D 178 24.25 10.70 33.64
CA THR D 178 24.38 9.53 34.51
C THR D 178 25.84 9.12 34.58
N LEU D 179 26.37 9.04 35.80
CA LEU D 179 27.74 8.58 36.05
C LEU D 179 27.66 7.13 36.50
N THR D 180 28.17 6.23 35.68
CA THR D 180 28.08 4.79 35.92
C THR D 180 29.46 4.23 36.20
N LEU D 181 29.58 3.53 37.33
CA LEU D 181 30.82 2.86 37.72
C LEU D 181 30.45 1.57 38.45
N SER D 182 31.48 0.81 38.81
CA SER D 182 31.29 -0.44 39.55
C SER D 182 31.19 -0.17 41.05
N LYS D 183 30.59 -1.11 41.76
CA LYS D 183 30.48 -0.98 43.21
C LYS D 183 31.85 -1.00 43.87
N ALA D 184 32.76 -1.81 43.34
CA ALA D 184 34.12 -1.83 43.88
C ALA D 184 34.77 -0.46 43.78
N ASP D 185 34.65 0.20 42.62
CA ASP D 185 35.19 1.53 42.47
C ASP D 185 34.34 2.59 43.16
N TYR D 186 33.09 2.27 43.51
CA TYR D 186 32.24 3.24 44.19
C TYR D 186 32.66 3.42 45.65
N GLU D 187 33.12 2.36 46.30
CA GLU D 187 33.42 2.40 47.72
C GLU D 187 34.84 2.87 48.03
N LYS D 188 35.68 3.07 47.01
CA LYS D 188 37.02 3.62 47.23
C LYS D 188 37.04 5.13 47.23
N HIS D 189 35.92 5.78 46.95
CA HIS D 189 35.84 7.23 46.89
C HIS D 189 34.65 7.72 47.71
N LYS D 190 34.75 8.95 48.20
CA LYS D 190 33.76 9.52 49.10
C LYS D 190 32.99 10.68 48.51
N VAL D 191 33.68 11.66 47.92
CA VAL D 191 33.04 12.86 47.39
C VAL D 191 32.63 12.63 45.95
N TYR D 192 31.35 12.88 45.65
CA TYR D 192 30.81 12.80 44.31
C TYR D 192 30.12 14.11 43.98
N ALA D 193 30.57 14.78 42.93
CA ALA D 193 30.09 16.11 42.59
C ALA D 193 29.71 16.18 41.12
N CYS D 194 28.72 17.02 40.82
CA CYS D 194 28.27 17.28 39.46
C CYS D 194 28.33 18.79 39.22
N GLU D 195 29.17 19.21 38.28
CA GLU D 195 29.37 20.62 37.98
C GLU D 195 28.58 20.98 36.72
N VAL D 196 27.76 22.02 36.83
CA VAL D 196 26.87 22.46 35.75
C VAL D 196 27.21 23.89 35.38
N THR D 197 27.48 24.13 34.10
CA THR D 197 27.74 25.45 33.58
C THR D 197 26.69 25.81 32.55
N HIS D 198 26.10 27.00 32.68
CA HIS D 198 25.05 27.44 31.78
C HIS D 198 25.10 28.95 31.63
N GLN D 199 24.39 29.45 30.62
CA GLN D 199 24.37 30.89 30.36
C GLN D 199 23.74 31.65 31.52
N GLY D 200 22.66 31.12 32.09
CA GLY D 200 21.98 31.76 33.20
C GLY D 200 22.71 31.69 34.51
N LEU D 201 23.86 31.02 34.56
CA LEU D 201 24.66 30.88 35.78
C LEU D 201 25.88 31.77 35.66
N SER D 202 26.05 32.68 36.63
CA SER D 202 27.25 33.51 36.66
C SER D 202 28.50 32.66 36.89
N SER D 203 28.41 31.69 37.79
CA SER D 203 29.48 30.76 38.09
C SER D 203 28.92 29.34 38.02
N PRO D 204 29.76 28.36 37.68
CA PRO D 204 29.28 26.97 37.67
C PRO D 204 28.72 26.56 39.02
N VAL D 205 27.57 25.90 38.99
CA VAL D 205 26.88 25.46 40.20
C VAL D 205 27.11 23.97 40.37
N THR D 206 27.56 23.57 41.56
CA THR D 206 27.91 22.19 41.85
C THR D 206 27.05 21.67 42.99
N LYS D 207 26.47 20.50 42.79
CA LYS D 207 25.74 19.78 43.84
C LYS D 207 26.50 18.49 44.14
N SER D 208 26.79 18.26 45.43
CA SER D 208 27.62 17.16 45.84
C SER D 208 26.95 16.37 46.96
N PHE D 209 27.37 15.11 47.10
CA PHE D 209 26.88 14.26 48.16
C PHE D 209 27.99 13.29 48.57
N ASN D 210 27.86 12.76 49.78
CA ASN D 210 28.80 11.79 50.31
C ASN D 210 28.23 10.37 50.18
N ARG D 211 29.14 9.39 50.18
CA ARG D 211 28.73 8.01 49.89
C ARG D 211 27.77 7.48 50.95
N GLY D 212 28.01 7.79 52.22
CA GLY D 212 27.15 7.30 53.28
C GLY D 212 25.79 7.94 53.34
N GLU D 213 25.64 9.13 52.75
CA GLU D 213 24.38 9.86 52.80
C GLU D 213 23.75 9.99 51.42
#